data_6R5G
#
_entry.id   6R5G
#
loop_
_entity.id
_entity.type
_entity.pdbx_description
1 polymer 'Tyrosine-protein phosphatase non-receptor type 11'
2 polymer ITSM
#
loop_
_entity_poly.entity_id
_entity_poly.type
_entity_poly.pdbx_seq_one_letter_code
_entity_poly.pdbx_strand_id
1 'polypeptide(L)'
;GPMADPTSERWFHGHLSGKEAEKLLTEKGKHGSFLVRESQSHPGDFVLSVRTGDDKGESNDGKSKVTHVMIRCQELKYDV
GGGERFDSLTDLVEHYKKNPMVETLGTVLQLKQPLNTTR
;
A
2 'polypeptide(L)' EQTE(PTR)ATIVFP B
#
# COMPACT_ATOMS: atom_id res chain seq x y z
N GLY A 1 -22.21 -2.23 3.52
CA GLY A 1 -22.71 -2.08 4.91
C GLY A 1 -21.64 -1.52 5.84
N PRO A 2 -22.02 -0.66 6.80
CA PRO A 2 -21.08 -0.04 7.74
C PRO A 2 -20.47 -1.04 8.71
N MET A 3 -21.26 -2.05 9.10
CA MET A 3 -20.78 -3.07 10.01
C MET A 3 -19.86 -4.04 9.28
N ALA A 4 -20.14 -4.23 8.00
CA ALA A 4 -19.33 -5.09 7.16
C ALA A 4 -18.15 -4.31 6.58
N ASP A 5 -17.10 -4.18 7.37
CA ASP A 5 -15.90 -3.47 6.92
C ASP A 5 -15.27 -4.17 5.73
N PRO A 6 -14.97 -3.42 4.66
CA PRO A 6 -14.31 -3.96 3.47
C PRO A 6 -12.84 -4.19 3.74
N THR A 7 -12.42 -3.72 4.90
CA THR A 7 -11.05 -3.78 5.30
C THR A 7 -10.79 -4.94 6.26
N SER A 8 -11.81 -5.76 6.48
CA SER A 8 -11.67 -6.93 7.34
C SER A 8 -10.90 -8.04 6.62
N GLU A 9 -9.67 -7.71 6.22
CA GLU A 9 -8.83 -8.60 5.47
C GLU A 9 -7.44 -8.70 6.12
N ARG A 10 -6.54 -9.46 5.53
CA ARG A 10 -5.23 -9.70 6.13
C ARG A 10 -4.23 -8.59 5.82
N TRP A 11 -4.43 -7.90 4.69
CA TRP A 11 -3.51 -6.85 4.28
C TRP A 11 -3.84 -5.52 4.93
N PHE A 12 -5.06 -5.36 5.40
CA PHE A 12 -5.43 -4.15 6.12
C PHE A 12 -4.99 -4.22 7.57
N HIS A 13 -4.20 -3.24 7.97
CA HIS A 13 -3.76 -3.14 9.35
C HIS A 13 -4.44 -1.95 10.01
N GLY A 14 -4.86 -2.12 11.26
CA GLY A 14 -5.62 -1.08 11.94
C GLY A 14 -4.87 0.22 12.08
N HIS A 15 -4.13 0.35 13.17
CA HIS A 15 -3.43 1.59 13.48
C HIS A 15 -1.96 1.50 13.11
N LEU A 16 -1.58 2.17 12.04
CA LEU A 16 -0.19 2.27 11.61
C LEU A 16 0.07 3.65 11.04
N SER A 17 1.19 4.24 11.43
CA SER A 17 1.63 5.50 10.85
C SER A 17 2.57 5.25 9.69
N GLY A 18 2.96 6.31 8.99
CA GLY A 18 3.77 6.19 7.78
C GLY A 18 4.99 5.31 7.95
N LYS A 19 5.82 5.61 8.93
CA LYS A 19 7.03 4.84 9.15
C LYS A 19 6.75 3.51 9.84
N GLU A 20 5.66 3.45 10.59
CA GLU A 20 5.27 2.19 11.22
C GLU A 20 4.88 1.15 10.18
N ALA A 21 4.12 1.58 9.19
CA ALA A 21 3.73 0.72 8.07
C ALA A 21 4.96 0.31 7.28
N GLU A 22 5.91 1.23 7.20
CA GLU A 22 7.15 0.98 6.50
C GLU A 22 7.99 -0.03 7.27
N LYS A 23 8.12 0.20 8.55
CA LYS A 23 8.81 -0.72 9.45
C LYS A 23 8.19 -2.11 9.38
N LEU A 24 6.87 -2.14 9.21
CA LEU A 24 6.14 -3.39 9.07
C LEU A 24 6.69 -4.20 7.89
N LEU A 25 6.78 -3.54 6.75
CA LEU A 25 7.22 -4.18 5.51
C LEU A 25 8.72 -4.43 5.49
N THR A 26 9.48 -3.42 5.85
CA THR A 26 10.94 -3.48 5.74
C THR A 26 11.52 -4.51 6.72
N GLU A 27 10.88 -4.66 7.87
CA GLU A 27 11.35 -5.60 8.89
C GLU A 27 10.63 -6.95 8.81
N LYS A 28 9.31 -6.94 8.72
CA LYS A 28 8.52 -8.16 8.82
C LYS A 28 8.08 -8.69 7.45
N GLY A 29 7.97 -7.81 6.46
CA GLY A 29 7.50 -8.23 5.16
C GLY A 29 8.62 -8.66 4.24
N LYS A 30 8.37 -8.65 2.94
CA LYS A 30 9.39 -9.00 1.94
C LYS A 30 9.08 -8.30 0.63
N HIS A 31 9.96 -8.44 -0.36
CA HIS A 31 9.77 -7.79 -1.66
C HIS A 31 8.42 -8.17 -2.28
N GLY A 32 7.58 -7.17 -2.54
CA GLY A 32 6.29 -7.42 -3.14
C GLY A 32 5.17 -7.43 -2.14
N SER A 33 5.51 -7.29 -0.86
CA SER A 33 4.51 -7.25 0.19
C SER A 33 3.78 -5.91 0.18
N PHE A 34 2.48 -5.95 0.41
CA PHE A 34 1.68 -4.74 0.48
C PHE A 34 0.69 -4.83 1.63
N LEU A 35 0.37 -3.70 2.21
CA LEU A 35 -0.62 -3.63 3.26
C LEU A 35 -1.32 -2.28 3.19
N VAL A 36 -2.63 -2.26 3.39
CA VAL A 36 -3.35 -1.00 3.40
C VAL A 36 -3.69 -0.64 4.84
N ARG A 37 -3.66 0.64 5.13
CA ARG A 37 -3.94 1.12 6.47
C ARG A 37 -4.64 2.46 6.41
N GLU A 38 -5.17 2.91 7.54
CA GLU A 38 -5.85 4.19 7.60
C GLU A 38 -4.83 5.33 7.62
N SER A 39 -5.05 6.32 6.77
CA SER A 39 -4.16 7.46 6.66
C SER A 39 -4.30 8.38 7.87
N GLN A 40 -3.17 8.85 8.37
CA GLN A 40 -3.16 9.73 9.52
C GLN A 40 -3.04 11.19 9.09
N SER A 41 -2.40 11.42 7.95
CA SER A 41 -2.32 12.76 7.40
C SER A 41 -3.62 13.11 6.70
N HIS A 42 -4.25 12.11 6.10
CA HIS A 42 -5.54 12.29 5.43
C HIS A 42 -6.60 11.44 6.10
N PRO A 43 -7.12 11.87 7.25
CA PRO A 43 -8.11 11.09 8.01
C PRO A 43 -9.39 10.87 7.20
N GLY A 44 -9.74 9.61 7.03
CA GLY A 44 -10.86 9.25 6.22
C GLY A 44 -10.45 8.49 4.97
N ASP A 45 -9.16 8.56 4.65
CA ASP A 45 -8.61 7.85 3.51
C ASP A 45 -7.73 6.71 3.97
N PHE A 46 -7.31 5.89 3.03
CA PHE A 46 -6.46 4.75 3.33
C PHE A 46 -5.18 4.83 2.50
N VAL A 47 -4.16 4.08 2.88
CA VAL A 47 -2.92 4.05 2.11
C VAL A 47 -2.44 2.64 1.91
N LEU A 48 -1.88 2.40 0.74
CA LEU A 48 -1.31 1.11 0.39
C LEU A 48 0.20 1.20 0.50
N SER A 49 0.79 0.52 1.47
CA SER A 49 2.23 0.58 1.59
C SER A 49 2.85 -0.72 1.06
N VAL A 50 3.85 -0.59 0.22
CA VAL A 50 4.45 -1.73 -0.45
C VAL A 50 5.96 -1.74 -0.32
N ARG A 51 6.54 -2.92 -0.36
CA ARG A 51 7.98 -3.07 -0.30
C ARG A 51 8.54 -3.30 -1.69
N THR A 52 9.13 -2.26 -2.25
CA THR A 52 9.67 -2.28 -3.60
C THR A 52 11.18 -2.50 -3.57
N GLY A 53 11.71 -3.18 -4.57
CA GLY A 53 13.12 -3.50 -4.58
C GLY A 53 13.46 -4.63 -3.63
N ASP A 54 14.62 -5.23 -3.83
CA ASP A 54 15.07 -6.33 -2.98
C ASP A 54 16.16 -5.88 -2.02
N ASP A 55 16.25 -6.55 -0.88
CA ASP A 55 17.14 -6.14 0.20
C ASP A 55 18.54 -6.74 0.09
N LYS A 56 18.74 -7.64 -0.85
CA LYS A 56 20.04 -8.25 -1.06
C LYS A 56 20.86 -7.45 -2.07
N GLY A 57 20.26 -6.40 -2.61
CA GLY A 57 20.97 -5.50 -3.50
C GLY A 57 20.91 -5.93 -4.96
N GLU A 58 19.78 -6.46 -5.37
CA GLU A 58 19.57 -6.78 -6.78
C GLU A 58 18.57 -5.83 -7.41
N SER A 59 18.37 -4.71 -6.74
CA SER A 59 17.51 -3.63 -7.24
C SER A 59 17.97 -2.31 -6.65
N ASN A 60 18.15 -2.32 -5.34
CA ASN A 60 18.64 -1.17 -4.61
C ASN A 60 19.43 -1.65 -3.40
N ASP A 61 20.20 -0.76 -2.80
CA ASP A 61 20.99 -1.10 -1.63
C ASP A 61 20.41 -0.41 -0.41
N GLY A 62 20.79 -0.88 0.77
CA GLY A 62 20.24 -0.34 2.00
C GLY A 62 18.91 -0.96 2.31
N LYS A 63 18.90 -2.29 2.45
CA LYS A 63 17.68 -3.07 2.59
C LYS A 63 16.70 -2.80 1.45
N SER A 64 15.47 -3.24 1.61
CA SER A 64 14.46 -2.97 0.60
C SER A 64 13.92 -1.56 0.77
N LYS A 65 13.20 -1.09 -0.23
CA LYS A 65 12.72 0.27 -0.23
C LYS A 65 11.19 0.28 -0.23
N VAL A 66 10.58 0.89 0.76
CA VAL A 66 9.12 0.91 0.86
C VAL A 66 8.53 2.21 0.35
N THR A 67 7.50 2.08 -0.46
CA THR A 67 6.71 3.21 -0.90
C THR A 67 5.27 3.03 -0.44
N HIS A 68 4.65 4.11 -0.03
CA HIS A 68 3.27 4.09 0.37
C HIS A 68 2.47 4.79 -0.69
N VAL A 69 1.31 4.25 -1.03
CA VAL A 69 0.45 4.83 -2.06
C VAL A 69 -0.84 5.31 -1.42
N MET A 70 -1.32 6.47 -1.83
CA MET A 70 -2.52 7.03 -1.26
C MET A 70 -3.77 6.44 -1.91
N ILE A 71 -4.67 5.92 -1.08
CA ILE A 71 -5.94 5.40 -1.55
C ILE A 71 -7.04 6.38 -1.20
N ARG A 72 -7.55 7.06 -2.22
CA ARG A 72 -8.63 8.02 -2.01
C ARG A 72 -9.92 7.29 -1.67
N CYS A 73 -10.45 7.57 -0.49
CA CYS A 73 -11.67 6.92 -0.04
C CYS A 73 -12.77 7.96 0.16
N GLN A 74 -13.58 8.16 -0.87
CA GLN A 74 -14.73 9.05 -0.77
C GLN A 74 -16.01 8.25 -0.97
N GLU A 75 -16.93 8.37 -0.01
CA GLU A 75 -18.18 7.61 -0.04
C GLU A 75 -17.92 6.11 -0.11
N LEU A 76 -16.89 5.68 0.62
CA LEU A 76 -16.51 4.26 0.70
C LEU A 76 -16.06 3.73 -0.66
N LYS A 77 -15.48 4.62 -1.46
CA LYS A 77 -14.93 4.24 -2.74
C LYS A 77 -13.41 4.32 -2.69
N TYR A 78 -12.73 3.29 -3.16
CA TYR A 78 -11.28 3.22 -3.06
C TYR A 78 -10.62 3.33 -4.42
N ASP A 79 -9.57 4.15 -4.50
CA ASP A 79 -8.82 4.33 -5.73
C ASP A 79 -7.40 4.83 -5.44
N VAL A 80 -6.40 4.26 -6.11
CA VAL A 80 -5.03 4.74 -5.99
C VAL A 80 -4.79 5.80 -7.06
N GLY A 81 -5.70 5.87 -8.02
CA GLY A 81 -5.58 6.82 -9.10
C GLY A 81 -5.60 6.14 -10.46
N GLY A 82 -5.82 4.83 -10.46
CA GLY A 82 -5.76 4.09 -11.71
C GLY A 82 -6.88 3.08 -11.87
N GLY A 83 -7.39 2.96 -13.08
CA GLY A 83 -8.39 1.95 -13.38
C GLY A 83 -9.75 2.26 -12.78
N GLU A 84 -10.56 1.22 -12.62
CA GLU A 84 -11.88 1.37 -12.04
C GLU A 84 -11.77 1.58 -10.54
N ARG A 85 -12.74 2.30 -9.99
CA ARG A 85 -12.78 2.55 -8.56
C ARG A 85 -13.75 1.59 -7.89
N PHE A 86 -13.31 0.98 -6.80
CA PHE A 86 -14.06 -0.10 -6.18
C PHE A 86 -14.64 0.33 -4.85
N ASP A 87 -15.77 -0.26 -4.48
CA ASP A 87 -16.42 0.02 -3.20
C ASP A 87 -15.88 -0.91 -2.12
N SER A 88 -14.95 -1.76 -2.53
CA SER A 88 -14.28 -2.67 -1.61
C SER A 88 -12.78 -2.58 -1.82
N LEU A 89 -12.02 -2.65 -0.72
CA LEU A 89 -10.58 -2.49 -0.79
C LEU A 89 -9.91 -3.75 -1.32
N THR A 90 -10.58 -4.89 -1.18
CA THR A 90 -10.05 -6.14 -1.70
C THR A 90 -9.89 -6.06 -3.21
N ASP A 91 -10.88 -5.51 -3.88
CA ASP A 91 -10.82 -5.33 -5.32
C ASP A 91 -9.74 -4.33 -5.69
N LEU A 92 -9.57 -3.33 -4.83
CA LEU A 92 -8.57 -2.27 -5.04
C LEU A 92 -7.17 -2.88 -5.05
N VAL A 93 -6.84 -3.61 -4.00
CA VAL A 93 -5.51 -4.15 -3.83
C VAL A 93 -5.21 -5.21 -4.90
N GLU A 94 -6.19 -6.03 -5.21
CA GLU A 94 -6.03 -7.06 -6.23
C GLU A 94 -5.90 -6.45 -7.61
N HIS A 95 -6.55 -5.31 -7.83
CA HIS A 95 -6.48 -4.61 -9.10
C HIS A 95 -5.03 -4.25 -9.42
N TYR A 96 -4.35 -3.69 -8.43
CA TYR A 96 -2.95 -3.30 -8.61
C TYR A 96 -2.02 -4.48 -8.33
N LYS A 97 -2.60 -5.56 -7.81
CA LYS A 97 -1.86 -6.80 -7.58
C LYS A 97 -1.53 -7.45 -8.91
N LYS A 98 -2.32 -7.14 -9.92
CA LYS A 98 -2.09 -7.62 -11.28
C LYS A 98 -1.53 -6.50 -12.15
N ASN A 99 -1.80 -5.26 -11.75
CA ASN A 99 -1.38 -4.10 -12.54
C ASN A 99 -0.58 -3.13 -11.67
N PRO A 100 0.74 -3.32 -11.58
CA PRO A 100 1.62 -2.46 -10.76
C PRO A 100 1.51 -0.98 -11.12
N MET A 101 1.38 -0.15 -10.10
CA MET A 101 1.26 1.29 -10.29
C MET A 101 2.63 1.97 -10.08
N VAL A 102 2.97 2.91 -10.96
CA VAL A 102 4.33 3.47 -11.00
C VAL A 102 4.40 4.91 -10.46
N GLU A 103 5.43 5.20 -9.66
CA GLU A 103 5.75 6.58 -9.26
C GLU A 103 6.54 7.28 -10.35
N THR A 104 6.61 8.60 -10.27
CA THR A 104 7.33 9.38 -11.27
C THR A 104 8.83 9.28 -11.05
N LEU A 105 9.24 8.72 -9.92
CA LEU A 105 10.65 8.53 -9.62
C LEU A 105 11.12 7.18 -10.12
N GLY A 106 10.21 6.41 -10.69
CA GLY A 106 10.55 5.10 -11.20
C GLY A 106 10.08 3.98 -10.30
N THR A 107 9.89 4.29 -9.03
CA THR A 107 9.38 3.31 -8.08
C THR A 107 8.00 2.84 -8.49
N VAL A 108 7.90 1.60 -8.90
CA VAL A 108 6.62 1.03 -9.21
C VAL A 108 6.25 -0.05 -8.22
N LEU A 109 5.05 0.11 -7.69
CA LEU A 109 4.59 -0.70 -6.58
C LEU A 109 4.08 -2.04 -7.09
N GLN A 110 4.88 -3.08 -6.87
CA GLN A 110 4.52 -4.42 -7.29
C GLN A 110 3.82 -5.17 -6.17
N LEU A 111 2.51 -5.05 -6.15
CA LEU A 111 1.67 -5.73 -5.18
C LEU A 111 1.59 -7.21 -5.51
N LYS A 112 2.27 -8.05 -4.72
CA LYS A 112 2.26 -9.48 -4.96
C LYS A 112 1.58 -10.24 -3.83
N GLN A 113 2.06 -10.06 -2.61
CA GLN A 113 1.49 -10.76 -1.46
C GLN A 113 1.28 -9.81 -0.29
N PRO A 114 0.18 -9.99 0.44
CA PRO A 114 -0.21 -9.11 1.54
C PRO A 114 0.62 -9.31 2.80
N LEU A 115 0.93 -8.22 3.48
CA LEU A 115 1.63 -8.29 4.76
C LEU A 115 0.64 -8.73 5.84
N ASN A 116 0.81 -9.94 6.32
CA ASN A 116 -0.07 -10.49 7.36
C ASN A 116 -0.08 -9.60 8.59
N THR A 117 -1.25 -9.43 9.18
CA THR A 117 -1.40 -8.64 10.38
C THR A 117 -0.81 -9.36 11.57
N THR A 118 0.33 -8.88 12.05
CA THR A 118 0.98 -9.48 13.19
C THR A 118 0.33 -8.98 14.48
N ARG A 119 -0.46 -9.85 15.09
CA ARG A 119 -1.20 -9.50 16.28
C ARG A 119 -1.13 -10.65 17.28
N GLU B 1 8.02 7.73 -2.66
CA GLU B 1 9.21 7.30 -1.89
C GLU B 1 8.91 7.21 -0.39
N GLN B 2 9.83 7.72 0.43
CA GLN B 2 9.72 7.62 1.90
C GLN B 2 8.41 8.23 2.37
N THR B 3 7.52 7.37 2.88
CA THR B 3 6.12 7.76 3.10
C THR B 3 5.62 8.44 1.82
N GLU B 4 5.30 9.74 1.88
CA GLU B 4 5.08 10.56 0.68
C GLU B 4 3.77 10.21 -0.04
N ALA B 6 3.38 8.28 -2.62
CA ALA B 6 3.66 7.95 -4.03
C ALA B 6 2.90 8.84 -5.03
N THR B 7 3.55 9.11 -6.15
CA THR B 7 2.96 9.93 -7.21
C THR B 7 1.93 9.15 -8.01
N ILE B 8 2.29 7.92 -8.36
CA ILE B 8 1.45 7.06 -9.17
C ILE B 8 1.08 7.74 -10.48
N VAL B 9 2.05 7.83 -11.38
CA VAL B 9 1.85 8.44 -12.68
C VAL B 9 1.65 7.39 -13.75
N PHE B 10 0.39 7.14 -14.08
CA PHE B 10 0.05 6.24 -15.18
C PHE B 10 0.27 6.96 -16.50
N PRO B 11 1.30 6.58 -17.27
CA PRO B 11 1.60 7.20 -18.55
C PRO B 11 0.70 6.66 -19.66
N GLY A 1 -25.20 -7.06 5.02
CA GLY A 1 -25.49 -5.99 6.00
C GLY A 1 -25.02 -4.63 5.53
N PRO A 2 -25.61 -3.54 6.05
CA PRO A 2 -25.24 -2.17 5.64
C PRO A 2 -23.80 -1.82 6.01
N MET A 3 -23.24 -2.51 7.00
CA MET A 3 -21.88 -2.27 7.41
C MET A 3 -20.98 -3.38 6.89
N ALA A 4 -20.70 -3.36 5.60
CA ALA A 4 -19.83 -4.35 4.99
C ALA A 4 -18.40 -3.87 4.99
N ASP A 5 -17.70 -4.08 6.11
CA ASP A 5 -16.31 -3.64 6.24
C ASP A 5 -15.42 -4.41 5.28
N PRO A 6 -14.91 -3.70 4.27
CA PRO A 6 -14.12 -4.29 3.18
C PRO A 6 -12.69 -4.58 3.62
N THR A 7 -12.35 -4.09 4.79
CA THR A 7 -10.99 -4.13 5.27
C THR A 7 -10.78 -5.26 6.26
N SER A 8 -11.78 -6.12 6.40
CA SER A 8 -11.69 -7.26 7.30
C SER A 8 -10.79 -8.35 6.70
N GLU A 9 -9.61 -7.95 6.24
CA GLU A 9 -8.68 -8.84 5.59
C GLU A 9 -7.31 -8.75 6.26
N ARG A 10 -6.37 -9.59 5.84
CA ARG A 10 -5.08 -9.68 6.51
C ARG A 10 -4.12 -8.57 6.08
N TRP A 11 -4.39 -7.93 4.94
CA TRP A 11 -3.50 -6.87 4.46
C TRP A 11 -3.87 -5.52 5.06
N PHE A 12 -5.08 -5.39 5.55
CA PHE A 12 -5.50 -4.17 6.22
C PHE A 12 -4.94 -4.13 7.63
N HIS A 13 -4.23 -3.06 7.94
CA HIS A 13 -3.73 -2.83 9.28
C HIS A 13 -4.26 -1.49 9.78
N GLY A 14 -5.20 -1.56 10.72
CA GLY A 14 -5.97 -0.38 11.10
C GLY A 14 -5.14 0.83 11.46
N HIS A 15 -4.49 0.78 12.61
CA HIS A 15 -3.77 1.93 13.14
C HIS A 15 -2.28 1.85 12.88
N LEU A 16 -1.87 2.32 11.72
CA LEU A 16 -0.46 2.40 11.36
C LEU A 16 -0.15 3.75 10.76
N SER A 17 0.92 4.38 11.21
CA SER A 17 1.45 5.55 10.54
C SER A 17 2.53 5.11 9.56
N GLY A 18 3.03 6.03 8.75
CA GLY A 18 4.02 5.70 7.75
C GLY A 18 5.20 4.96 8.32
N LYS A 19 5.69 5.42 9.47
CA LYS A 19 6.89 4.86 10.08
C LYS A 19 6.60 3.45 10.61
N GLU A 20 5.39 3.24 11.09
CA GLU A 20 5.00 1.94 11.62
C GLU A 20 4.80 0.94 10.50
N ALA A 21 4.09 1.36 9.46
CA ALA A 21 3.87 0.53 8.29
C ALA A 21 5.19 0.21 7.60
N GLU A 22 6.09 1.17 7.65
CA GLU A 22 7.41 1.01 7.08
C GLU A 22 8.17 -0.06 7.84
N LYS A 23 8.19 0.05 9.16
CA LYS A 23 8.81 -0.93 10.03
C LYS A 23 8.19 -2.31 9.83
N LEU A 24 6.88 -2.31 9.59
CA LEU A 24 6.12 -3.53 9.34
C LEU A 24 6.68 -4.27 8.12
N LEU A 25 6.78 -3.56 7.01
CA LEU A 25 7.23 -4.14 5.76
C LEU A 25 8.73 -4.39 5.72
N THR A 26 9.50 -3.37 6.09
CA THR A 26 10.96 -3.42 5.97
C THR A 26 11.55 -4.55 6.80
N GLU A 27 10.93 -4.86 7.93
CA GLU A 27 11.41 -5.96 8.78
C GLU A 27 10.66 -7.26 8.54
N LYS A 28 9.33 -7.22 8.65
CA LYS A 28 8.53 -8.44 8.69
C LYS A 28 8.07 -8.87 7.29
N GLY A 29 8.00 -7.92 6.37
CA GLY A 29 7.58 -8.23 5.02
C GLY A 29 8.76 -8.54 4.12
N LYS A 30 8.54 -8.44 2.82
CA LYS A 30 9.59 -8.61 1.83
C LYS A 30 9.24 -7.80 0.59
N HIS A 31 10.13 -7.76 -0.39
CA HIS A 31 9.83 -7.05 -1.63
C HIS A 31 8.56 -7.65 -2.26
N GLY A 32 7.59 -6.80 -2.52
CA GLY A 32 6.35 -7.26 -3.12
C GLY A 32 5.23 -7.34 -2.10
N SER A 33 5.57 -7.22 -0.83
CA SER A 33 4.58 -7.24 0.23
C SER A 33 3.87 -5.90 0.33
N PHE A 34 2.56 -5.95 0.54
CA PHE A 34 1.76 -4.74 0.63
C PHE A 34 0.76 -4.85 1.77
N LEU A 35 0.43 -3.71 2.36
CA LEU A 35 -0.59 -3.65 3.38
C LEU A 35 -1.30 -2.30 3.31
N VAL A 36 -2.61 -2.30 3.42
CA VAL A 36 -3.34 -1.05 3.40
C VAL A 36 -3.71 -0.65 4.81
N ARG A 37 -3.60 0.64 5.08
CA ARG A 37 -3.83 1.17 6.40
C ARG A 37 -4.54 2.49 6.29
N GLU A 38 -5.05 2.99 7.40
CA GLU A 38 -5.65 4.32 7.43
C GLU A 38 -4.55 5.37 7.53
N SER A 39 -4.64 6.40 6.70
CA SER A 39 -3.65 7.46 6.71
C SER A 39 -3.86 8.37 7.91
N GLN A 40 -2.77 8.77 8.54
CA GLN A 40 -2.86 9.63 9.71
C GLN A 40 -2.59 11.08 9.34
N SER A 41 -1.98 11.29 8.19
CA SER A 41 -1.84 12.62 7.65
C SER A 41 -3.09 13.00 6.87
N HIS A 42 -3.78 11.99 6.36
CA HIS A 42 -5.04 12.18 5.66
C HIS A 42 -6.14 11.35 6.32
N PRO A 43 -6.69 11.84 7.45
CA PRO A 43 -7.73 11.12 8.20
C PRO A 43 -8.97 10.85 7.36
N GLY A 44 -9.36 9.58 7.28
CA GLY A 44 -10.51 9.21 6.49
C GLY A 44 -10.11 8.50 5.21
N ASP A 45 -8.85 8.64 4.83
CA ASP A 45 -8.34 8.01 3.62
C ASP A 45 -7.44 6.84 3.98
N PHE A 46 -7.29 5.91 3.05
CA PHE A 46 -6.49 4.73 3.26
C PHE A 46 -5.23 4.80 2.40
N VAL A 47 -4.22 4.05 2.77
CA VAL A 47 -2.99 4.02 1.99
C VAL A 47 -2.47 2.60 1.84
N LEU A 48 -2.00 2.29 0.66
CA LEU A 48 -1.39 1.01 0.36
C LEU A 48 0.11 1.14 0.52
N SER A 49 0.69 0.52 1.51
CA SER A 49 2.12 0.62 1.68
C SER A 49 2.76 -0.66 1.19
N VAL A 50 3.78 -0.52 0.37
CA VAL A 50 4.42 -1.66 -0.26
C VAL A 50 5.92 -1.60 -0.07
N ARG A 51 6.56 -2.76 -0.02
CA ARG A 51 8.00 -2.80 0.05
C ARG A 51 8.58 -2.91 -1.36
N THR A 52 9.07 -1.78 -1.85
CA THR A 52 9.69 -1.70 -3.15
C THR A 52 11.16 -1.36 -3.00
N GLY A 53 11.99 -2.37 -3.06
CA GLY A 53 13.40 -2.17 -2.85
C GLY A 53 13.98 -3.28 -2.02
N ASP A 54 15.19 -3.68 -2.36
CA ASP A 54 15.79 -4.84 -1.74
C ASP A 54 16.86 -4.47 -0.73
N ASP A 55 16.95 -5.28 0.31
CA ASP A 55 17.92 -5.10 1.39
C ASP A 55 19.34 -5.43 0.94
N LYS A 56 19.49 -5.73 -0.33
CA LYS A 56 20.79 -6.02 -0.91
C LYS A 56 21.33 -4.80 -1.64
N GLY A 57 20.71 -3.66 -1.41
CA GLY A 57 21.18 -2.42 -2.00
C GLY A 57 20.61 -2.16 -3.38
N GLU A 58 19.34 -2.49 -3.56
CA GLU A 58 18.67 -2.25 -4.83
C GLU A 58 17.46 -1.36 -4.62
N SER A 59 17.36 -0.32 -5.46
CA SER A 59 16.29 0.66 -5.38
C SER A 59 16.43 1.55 -4.15
N ASN A 60 17.56 1.42 -3.46
CA ASN A 60 17.79 2.16 -2.22
C ASN A 60 19.24 1.96 -1.78
N ASP A 61 19.70 2.82 -0.89
CA ASP A 61 21.08 2.79 -0.43
C ASP A 61 21.30 1.72 0.63
N GLY A 62 21.43 0.48 0.19
CA GLY A 62 21.80 -0.59 1.08
C GLY A 62 20.60 -1.31 1.68
N LYS A 63 19.70 -0.55 2.28
CA LYS A 63 18.55 -1.13 2.96
C LYS A 63 17.36 -1.25 2.03
N SER A 64 16.29 -1.87 2.51
CA SER A 64 15.08 -2.01 1.73
C SER A 64 14.31 -0.68 1.70
N LYS A 65 13.30 -0.60 0.84
CA LYS A 65 12.56 0.63 0.68
C LYS A 65 11.05 0.34 0.75
N VAL A 66 10.29 1.24 1.37
CA VAL A 66 8.84 1.12 1.43
C VAL A 66 8.15 2.35 0.84
N THR A 67 7.43 2.15 -0.23
CA THR A 67 6.60 3.18 -0.79
C THR A 67 5.18 3.08 -0.24
N HIS A 68 4.58 4.22 0.02
CA HIS A 68 3.21 4.24 0.52
C HIS A 68 2.33 4.91 -0.53
N VAL A 69 1.34 4.20 -1.03
CA VAL A 69 0.47 4.73 -2.08
C VAL A 69 -0.82 5.26 -1.46
N MET A 70 -1.29 6.38 -1.96
CA MET A 70 -2.48 7.00 -1.41
C MET A 70 -3.75 6.44 -2.05
N ILE A 71 -4.59 5.82 -1.24
CA ILE A 71 -5.88 5.32 -1.71
C ILE A 71 -6.95 6.35 -1.37
N ARG A 72 -7.44 7.05 -2.38
CA ARG A 72 -8.43 8.09 -2.14
C ARG A 72 -9.74 7.46 -1.72
N CYS A 73 -10.23 7.86 -0.56
CA CYS A 73 -11.47 7.35 -0.02
C CYS A 73 -12.50 8.46 0.04
N GLN A 74 -13.29 8.58 -1.02
CA GLN A 74 -14.32 9.60 -1.09
C GLN A 74 -15.68 8.96 -1.38
N GLU A 75 -16.63 9.20 -0.49
CA GLU A 75 -17.98 8.63 -0.60
C GLU A 75 -17.92 7.11 -0.62
N LEU A 76 -17.07 6.54 0.24
CA LEU A 76 -16.92 5.09 0.36
C LEU A 76 -16.46 4.47 -0.95
N LYS A 77 -15.48 5.09 -1.57
CA LYS A 77 -14.92 4.60 -2.82
C LYS A 77 -13.41 4.59 -2.70
N TYR A 78 -12.77 3.54 -3.21
CA TYR A 78 -11.34 3.38 -3.07
C TYR A 78 -10.65 3.43 -4.43
N ASP A 79 -9.61 4.25 -4.54
CA ASP A 79 -8.86 4.37 -5.78
C ASP A 79 -7.46 4.90 -5.50
N VAL A 80 -6.44 4.22 -6.03
CA VAL A 80 -5.07 4.67 -5.89
C VAL A 80 -4.76 5.69 -7.00
N GLY A 81 -5.67 5.77 -7.97
CA GLY A 81 -5.53 6.74 -9.02
C GLY A 81 -5.51 6.11 -10.39
N GLY A 82 -5.79 4.81 -10.45
CA GLY A 82 -5.73 4.11 -11.71
C GLY A 82 -6.88 3.15 -11.93
N GLY A 83 -7.37 3.09 -13.16
CA GLY A 83 -8.38 2.13 -13.52
C GLY A 83 -9.74 2.43 -12.91
N GLU A 84 -10.55 1.40 -12.75
CA GLU A 84 -11.88 1.53 -12.18
C GLU A 84 -11.79 1.76 -10.68
N ARG A 85 -12.66 2.60 -10.16
CA ARG A 85 -12.71 2.86 -8.73
C ARG A 85 -13.63 1.84 -8.06
N PHE A 86 -13.16 1.25 -6.98
CA PHE A 86 -13.84 0.12 -6.38
C PHE A 86 -14.55 0.49 -5.09
N ASP A 87 -15.55 -0.29 -4.75
CA ASP A 87 -16.36 -0.07 -3.55
C ASP A 87 -15.82 -0.88 -2.39
N SER A 88 -14.91 -1.80 -2.70
CA SER A 88 -14.28 -2.62 -1.70
C SER A 88 -12.76 -2.57 -1.90
N LEU A 89 -12.04 -2.58 -0.79
CA LEU A 89 -10.60 -2.43 -0.83
C LEU A 89 -9.92 -3.69 -1.35
N THR A 90 -10.60 -4.82 -1.25
CA THR A 90 -10.09 -6.08 -1.77
C THR A 90 -9.90 -5.98 -3.29
N ASP A 91 -10.90 -5.45 -3.98
CA ASP A 91 -10.82 -5.28 -5.42
C ASP A 91 -9.73 -4.29 -5.77
N LEU A 92 -9.56 -3.30 -4.89
CA LEU A 92 -8.54 -2.26 -5.05
C LEU A 92 -7.16 -2.89 -5.08
N VAL A 93 -6.84 -3.67 -4.05
CA VAL A 93 -5.51 -4.24 -3.91
C VAL A 93 -5.24 -5.29 -4.99
N GLU A 94 -6.23 -6.15 -5.24
CA GLU A 94 -6.15 -7.16 -6.28
C GLU A 94 -5.93 -6.53 -7.66
N HIS A 95 -6.53 -5.38 -7.86
CA HIS A 95 -6.42 -4.67 -9.13
C HIS A 95 -4.98 -4.27 -9.42
N TYR A 96 -4.30 -3.73 -8.42
CA TYR A 96 -2.94 -3.25 -8.60
C TYR A 96 -1.92 -4.38 -8.43
N LYS A 97 -2.38 -5.52 -7.95
CA LYS A 97 -1.56 -6.72 -7.92
C LYS A 97 -1.37 -7.25 -9.32
N LYS A 98 -2.40 -7.10 -10.15
CA LYS A 98 -2.37 -7.51 -11.53
C LYS A 98 -1.82 -6.39 -12.41
N ASN A 99 -2.17 -5.16 -12.06
CA ASN A 99 -1.70 -3.99 -12.80
C ASN A 99 -0.78 -3.15 -11.94
N PRO A 100 0.54 -3.27 -12.16
CA PRO A 100 1.55 -2.52 -11.40
C PRO A 100 1.32 -1.02 -11.45
N MET A 101 1.25 -0.42 -10.28
CA MET A 101 1.14 1.02 -10.16
C MET A 101 2.54 1.63 -10.10
N VAL A 102 2.73 2.78 -10.75
CA VAL A 102 4.08 3.34 -10.87
C VAL A 102 4.14 4.77 -10.32
N GLU A 103 5.23 5.08 -9.63
CA GLU A 103 5.51 6.45 -9.21
C GLU A 103 6.16 7.21 -10.35
N THR A 104 6.12 8.53 -10.26
CA THR A 104 6.75 9.37 -11.26
C THR A 104 8.26 9.34 -11.10
N LEU A 105 8.72 8.75 -10.00
CA LEU A 105 10.14 8.59 -9.73
C LEU A 105 10.62 7.26 -10.31
N GLY A 106 9.74 6.56 -11.00
CA GLY A 106 10.09 5.30 -11.63
C GLY A 106 9.90 4.11 -10.71
N THR A 107 9.47 4.39 -9.49
CA THR A 107 9.19 3.33 -8.53
C THR A 107 7.90 2.61 -8.89
N VAL A 108 8.02 1.34 -9.26
CA VAL A 108 6.87 0.53 -9.59
C VAL A 108 6.49 -0.33 -8.40
N LEU A 109 5.32 -0.07 -7.83
CA LEU A 109 4.87 -0.83 -6.68
C LEU A 109 4.37 -2.20 -7.13
N GLN A 110 5.23 -3.19 -6.96
CA GLN A 110 4.87 -4.56 -7.31
C GLN A 110 4.12 -5.22 -6.16
N LEU A 111 2.81 -5.15 -6.23
CA LEU A 111 1.94 -5.75 -5.22
C LEU A 111 1.84 -7.26 -5.46
N LYS A 112 2.52 -8.05 -4.63
CA LYS A 112 2.52 -9.50 -4.79
C LYS A 112 1.82 -10.21 -3.65
N GLN A 113 2.28 -9.99 -2.42
CA GLN A 113 1.70 -10.67 -1.27
C GLN A 113 1.39 -9.69 -0.15
N PRO A 114 0.25 -9.89 0.51
CA PRO A 114 -0.20 -9.02 1.61
C PRO A 114 0.58 -9.26 2.89
N LEU A 115 0.93 -8.18 3.58
CA LEU A 115 1.62 -8.28 4.86
C LEU A 115 0.64 -8.78 5.91
N ASN A 116 0.80 -10.04 6.30
CA ASN A 116 -0.07 -10.66 7.29
C ASN A 116 -0.09 -9.86 8.59
N THR A 117 -1.28 -9.65 9.11
CA THR A 117 -1.48 -8.92 10.36
C THR A 117 -0.74 -9.59 11.51
N THR A 118 0.29 -8.92 11.99
CA THR A 118 1.10 -9.44 13.07
C THR A 118 0.76 -8.75 14.38
N ARG A 119 0.15 -9.49 15.29
CA ARG A 119 -0.25 -8.96 16.58
C ARG A 119 0.12 -9.96 17.67
N GLU B 1 11.84 8.20 -0.53
CA GLU B 1 11.99 7.49 0.76
C GLU B 1 10.89 7.95 1.72
N GLN B 2 10.81 7.30 2.88
CA GLN B 2 9.85 7.67 3.92
C GLN B 2 8.41 7.50 3.44
N THR B 3 7.48 8.21 4.05
CA THR B 3 6.09 8.20 3.62
C THR B 3 5.95 8.94 2.29
N GLU B 4 5.58 10.23 2.33
CA GLU B 4 5.49 11.09 1.13
C GLU B 4 4.29 10.71 0.26
N ALA B 6 3.24 7.77 -2.69
CA ALA B 6 3.41 7.62 -4.13
C ALA B 6 2.27 8.30 -4.89
N THR B 7 2.63 9.11 -5.86
CA THR B 7 1.66 9.83 -6.68
C THR B 7 0.91 8.89 -7.62
N ILE B 8 1.63 7.91 -8.15
CA ILE B 8 1.05 6.88 -9.01
C ILE B 8 0.63 7.45 -10.36
N VAL B 9 1.58 7.46 -11.28
CA VAL B 9 1.36 7.96 -12.62
C VAL B 9 1.33 6.82 -13.62
N PHE B 10 0.14 6.41 -13.98
CA PHE B 10 -0.03 5.42 -15.03
C PHE B 10 0.20 6.08 -16.38
N PRO B 11 1.20 5.61 -17.13
CA PRO B 11 1.55 6.17 -18.44
C PRO B 11 0.56 5.73 -19.52
N GLY A 1 -23.88 -2.55 5.07
CA GLY A 1 -24.02 -2.77 6.53
C GLY A 1 -23.14 -1.85 7.33
N PRO A 2 -23.51 -1.51 8.58
CA PRO A 2 -22.75 -0.59 9.44
C PRO A 2 -21.30 -1.04 9.64
N MET A 3 -21.12 -2.31 10.00
CA MET A 3 -19.79 -2.84 10.24
C MET A 3 -19.40 -3.81 9.12
N ALA A 4 -19.97 -3.61 7.94
CA ALA A 4 -19.62 -4.41 6.79
C ALA A 4 -18.39 -3.83 6.11
N ASP A 5 -17.26 -3.96 6.78
CA ASP A 5 -16.02 -3.39 6.31
C ASP A 5 -15.45 -4.21 5.16
N PRO A 6 -15.10 -3.54 4.04
CA PRO A 6 -14.40 -4.19 2.93
C PRO A 6 -12.94 -4.38 3.29
N THR A 7 -12.60 -3.81 4.43
CA THR A 7 -11.25 -3.79 4.93
C THR A 7 -11.03 -4.89 5.96
N SER A 8 -12.02 -5.76 6.12
CA SER A 8 -11.95 -6.84 7.11
C SER A 8 -11.03 -7.97 6.65
N GLU A 9 -10.01 -7.62 5.87
CA GLU A 9 -9.05 -8.58 5.35
C GLU A 9 -7.70 -8.38 6.02
N ARG A 10 -6.77 -9.29 5.78
CA ARG A 10 -5.53 -9.35 6.57
C ARG A 10 -4.43 -8.41 6.04
N TRP A 11 -4.63 -7.83 4.87
CA TRP A 11 -3.68 -6.84 4.36
C TRP A 11 -4.02 -5.45 4.87
N PHE A 12 -5.25 -5.28 5.32
CA PHE A 12 -5.67 -4.04 5.97
C PHE A 12 -5.12 -3.99 7.38
N HIS A 13 -4.32 -2.98 7.64
CA HIS A 13 -3.80 -2.74 8.97
C HIS A 13 -4.41 -1.46 9.51
N GLY A 14 -4.62 -1.42 10.81
CA GLY A 14 -5.34 -0.31 11.41
C GLY A 14 -4.53 0.98 11.48
N HIS A 15 -4.39 1.53 12.67
CA HIS A 15 -3.73 2.81 12.84
C HIS A 15 -2.24 2.65 12.99
N LEU A 16 -1.57 2.55 11.85
CA LEU A 16 -0.12 2.57 11.80
C LEU A 16 0.35 3.97 11.45
N SER A 17 1.58 4.27 11.73
CA SER A 17 2.21 5.45 11.17
C SER A 17 3.14 5.04 10.03
N GLY A 18 3.68 6.01 9.30
CA GLY A 18 4.57 5.72 8.20
C GLY A 18 5.70 4.77 8.59
N LYS A 19 6.38 5.10 9.68
CA LYS A 19 7.51 4.33 10.16
C LYS A 19 7.09 2.94 10.59
N GLU A 20 5.96 2.84 11.27
CA GLU A 20 5.43 1.55 11.70
C GLU A 20 5.15 0.66 10.50
N ALA A 21 4.49 1.21 9.50
CA ALA A 21 4.17 0.48 8.29
C ALA A 21 5.43 0.10 7.53
N GLU A 22 6.41 0.99 7.57
CA GLU A 22 7.68 0.76 6.92
C GLU A 22 8.40 -0.43 7.58
N LYS A 23 8.49 -0.39 8.90
CA LYS A 23 9.09 -1.48 9.67
C LYS A 23 8.30 -2.76 9.46
N LEU A 24 6.99 -2.63 9.31
CA LEU A 24 6.11 -3.77 9.09
C LEU A 24 6.57 -4.55 7.86
N LEU A 25 6.71 -3.84 6.75
CA LEU A 25 7.11 -4.46 5.49
C LEU A 25 8.60 -4.79 5.43
N THR A 26 9.43 -3.81 5.73
CA THR A 26 10.88 -3.92 5.54
C THR A 26 11.49 -4.99 6.45
N GLU A 27 10.93 -5.16 7.65
CA GLU A 27 11.44 -6.15 8.57
C GLU A 27 10.66 -7.46 8.51
N LYS A 28 9.33 -7.38 8.58
CA LYS A 28 8.50 -8.56 8.74
C LYS A 28 8.03 -9.15 7.41
N GLY A 29 8.00 -8.34 6.37
CA GLY A 29 7.53 -8.82 5.08
C GLY A 29 8.67 -9.19 4.16
N LYS A 30 8.46 -9.03 2.85
CA LYS A 30 9.49 -9.28 1.86
C LYS A 30 9.20 -8.46 0.61
N HIS A 31 10.13 -8.48 -0.34
CA HIS A 31 9.95 -7.75 -1.60
C HIS A 31 8.59 -8.09 -2.23
N GLY A 32 7.75 -7.07 -2.39
CA GLY A 32 6.45 -7.28 -3.00
C GLY A 32 5.32 -7.34 -1.99
N SER A 33 5.64 -7.26 -0.71
CA SER A 33 4.60 -7.25 0.32
C SER A 33 3.86 -5.93 0.31
N PHE A 34 2.55 -5.98 0.48
CA PHE A 34 1.73 -4.78 0.52
C PHE A 34 0.71 -4.86 1.63
N LEU A 35 0.33 -3.70 2.15
CA LEU A 35 -0.68 -3.61 3.17
C LEU A 35 -1.36 -2.24 3.09
N VAL A 36 -2.67 -2.21 3.19
CA VAL A 36 -3.36 -0.94 3.22
C VAL A 36 -3.62 -0.57 4.66
N ARG A 37 -3.50 0.69 4.96
CA ARG A 37 -3.55 1.14 6.33
C ARG A 37 -4.17 2.51 6.42
N GLU A 38 -4.63 2.86 7.61
CA GLU A 38 -5.20 4.18 7.83
C GLU A 38 -4.09 5.19 8.01
N SER A 39 -3.94 6.08 7.03
CA SER A 39 -2.92 7.10 7.09
C SER A 39 -3.22 8.08 8.23
N GLN A 40 -2.27 8.26 9.13
CA GLN A 40 -2.43 9.25 10.18
C GLN A 40 -1.84 10.58 9.72
N SER A 41 -1.05 10.51 8.64
CA SER A 41 -0.56 11.71 7.99
C SER A 41 -1.71 12.37 7.24
N HIS A 42 -2.54 11.54 6.63
CA HIS A 42 -3.77 12.00 5.99
C HIS A 42 -4.97 11.32 6.65
N PRO A 43 -5.41 11.84 7.81
CA PRO A 43 -6.44 11.20 8.63
C PRO A 43 -7.76 11.03 7.89
N GLY A 44 -8.34 9.83 8.03
CA GLY A 44 -9.60 9.54 7.38
C GLY A 44 -9.42 8.75 6.11
N ASP A 45 -8.23 8.83 5.54
CA ASP A 45 -7.94 8.15 4.29
C ASP A 45 -7.13 6.89 4.53
N PHE A 46 -6.99 6.09 3.47
CA PHE A 46 -6.23 4.86 3.54
C PHE A 46 -5.04 4.95 2.60
N VAL A 47 -3.96 4.27 2.95
CA VAL A 47 -2.79 4.25 2.08
C VAL A 47 -2.29 2.82 1.88
N LEU A 48 -1.91 2.53 0.66
CA LEU A 48 -1.36 1.22 0.31
C LEU A 48 0.15 1.29 0.44
N SER A 49 0.70 0.64 1.42
CA SER A 49 2.14 0.69 1.60
C SER A 49 2.75 -0.60 1.08
N VAL A 50 3.80 -0.47 0.30
CA VAL A 50 4.39 -1.62 -0.39
C VAL A 50 5.90 -1.64 -0.21
N ARG A 51 6.47 -2.84 -0.30
CA ARG A 51 7.90 -3.01 -0.19
C ARG A 51 8.51 -3.15 -1.58
N THR A 52 9.14 -2.09 -2.04
CA THR A 52 9.75 -2.02 -3.36
C THR A 52 11.27 -2.04 -3.25
N GLY A 53 11.93 -2.63 -4.24
CA GLY A 53 13.37 -2.71 -4.19
C GLY A 53 13.85 -3.98 -3.50
N ASP A 54 15.14 -4.22 -3.54
CA ASP A 54 15.71 -5.42 -2.93
C ASP A 54 16.38 -5.07 -1.61
N ASP A 55 16.40 -6.03 -0.69
CA ASP A 55 16.92 -5.81 0.65
C ASP A 55 18.38 -6.25 0.73
N LYS A 56 19.03 -6.26 -0.41
CA LYS A 56 20.41 -6.71 -0.51
C LYS A 56 21.37 -5.58 -0.12
N GLY A 57 20.82 -4.41 0.12
CA GLY A 57 21.62 -3.28 0.52
C GLY A 57 22.22 -2.56 -0.67
N GLU A 58 23.07 -3.25 -1.40
CA GLU A 58 23.75 -2.69 -2.57
C GLU A 58 22.76 -2.34 -3.68
N SER A 59 21.56 -2.90 -3.60
CA SER A 59 20.54 -2.68 -4.60
C SER A 59 19.72 -1.42 -4.28
N ASN A 60 19.90 -0.88 -3.09
CA ASN A 60 19.08 0.23 -2.61
C ASN A 60 19.90 1.16 -1.73
N ASP A 61 19.22 1.98 -0.94
CA ASP A 61 19.91 2.85 0.03
C ASP A 61 20.61 2.00 1.07
N GLY A 62 20.06 0.84 1.29
CA GLY A 62 20.59 -0.09 2.27
C GLY A 62 19.56 -1.13 2.64
N LYS A 63 18.31 -0.72 2.64
CA LYS A 63 17.19 -1.60 2.93
C LYS A 63 16.11 -1.42 1.89
N SER A 64 15.14 -2.31 1.87
CA SER A 64 14.01 -2.20 0.96
C SER A 64 13.28 -0.88 1.15
N LYS A 65 12.73 -0.35 0.06
CA LYS A 65 12.04 0.91 0.10
C LYS A 65 10.54 0.70 0.25
N VAL A 66 9.95 1.29 1.26
CA VAL A 66 8.51 1.20 1.43
C VAL A 66 7.83 2.48 0.94
N THR A 67 7.08 2.34 -0.14
CA THR A 67 6.29 3.42 -0.67
C THR A 67 4.86 3.30 -0.19
N HIS A 68 4.28 4.41 0.18
CA HIS A 68 2.88 4.44 0.58
C HIS A 68 2.09 5.09 -0.55
N VAL A 69 1.10 4.39 -1.08
CA VAL A 69 0.28 4.95 -2.15
C VAL A 69 -1.03 5.46 -1.54
N MET A 70 -1.47 6.61 -1.99
CA MET A 70 -2.64 7.23 -1.39
C MET A 70 -3.92 6.64 -1.96
N ILE A 71 -4.76 6.09 -1.10
CA ILE A 71 -6.04 5.55 -1.51
C ILE A 71 -7.16 6.54 -1.16
N ARG A 72 -7.70 7.18 -2.18
CA ARG A 72 -8.76 8.14 -1.98
C ARG A 72 -10.07 7.45 -1.64
N CYS A 73 -10.49 7.56 -0.38
CA CYS A 73 -11.76 7.02 0.05
C CYS A 73 -12.86 8.03 -0.20
N GLN A 74 -13.61 7.82 -1.27
CA GLN A 74 -14.66 8.75 -1.67
C GLN A 74 -15.99 8.04 -1.87
N GLU A 75 -16.94 8.31 -0.99
CA GLU A 75 -18.25 7.68 -1.01
C GLU A 75 -18.12 6.16 -0.95
N LEU A 76 -17.22 5.71 -0.06
CA LEU A 76 -16.96 4.29 0.16
C LEU A 76 -16.32 3.62 -1.06
N LYS A 77 -15.80 4.43 -1.97
CA LYS A 77 -15.02 3.92 -3.09
C LYS A 77 -13.55 4.22 -2.88
N TYR A 78 -12.70 3.29 -3.28
CA TYR A 78 -11.27 3.39 -3.05
C TYR A 78 -10.52 3.44 -4.38
N ASP A 79 -9.48 4.27 -4.44
CA ASP A 79 -8.68 4.42 -5.64
C ASP A 79 -7.29 4.98 -5.31
N VAL A 80 -6.24 4.42 -5.90
CA VAL A 80 -4.89 4.91 -5.65
C VAL A 80 -4.54 6.04 -6.61
N GLY A 81 -5.39 6.23 -7.60
CA GLY A 81 -5.11 7.19 -8.66
C GLY A 81 -5.13 6.53 -10.01
N GLY A 82 -6.00 5.54 -10.16
CA GLY A 82 -6.08 4.78 -11.36
C GLY A 82 -7.25 5.17 -12.23
N GLY A 83 -7.68 4.28 -13.10
CA GLY A 83 -8.76 4.58 -14.02
C GLY A 83 -10.12 4.32 -13.44
N GLU A 84 -10.26 3.23 -12.70
CA GLU A 84 -11.55 2.85 -12.15
C GLU A 84 -11.52 2.87 -10.62
N ARG A 85 -12.63 3.29 -10.03
CA ARG A 85 -12.77 3.29 -8.58
C ARG A 85 -13.43 1.99 -8.14
N PHE A 86 -12.98 1.46 -7.02
CA PHE A 86 -13.51 0.19 -6.52
C PHE A 86 -14.31 0.41 -5.25
N ASP A 87 -15.46 -0.26 -5.15
CA ASP A 87 -16.34 -0.12 -4.00
C ASP A 87 -15.87 -1.03 -2.86
N SER A 88 -14.77 -1.73 -3.11
CA SER A 88 -14.18 -2.59 -2.10
C SER A 88 -12.67 -2.50 -2.20
N LEU A 89 -12.01 -2.54 -1.04
CA LEU A 89 -10.56 -2.40 -1.00
C LEU A 89 -9.87 -3.69 -1.44
N THR A 90 -10.58 -4.80 -1.31
CA THR A 90 -10.04 -6.07 -1.81
C THR A 90 -9.84 -5.99 -3.31
N ASP A 91 -10.86 -5.53 -4.01
CA ASP A 91 -10.81 -5.39 -5.46
C ASP A 91 -9.76 -4.35 -5.85
N LEU A 92 -9.57 -3.37 -4.98
CA LEU A 92 -8.54 -2.35 -5.16
C LEU A 92 -7.16 -2.99 -5.15
N VAL A 93 -6.85 -3.72 -4.07
CA VAL A 93 -5.52 -4.27 -3.89
C VAL A 93 -5.25 -5.40 -4.88
N GLU A 94 -6.23 -6.25 -5.09
CA GLU A 94 -6.13 -7.36 -6.03
C GLU A 94 -5.87 -6.86 -7.45
N HIS A 95 -6.41 -5.69 -7.77
CA HIS A 95 -6.24 -5.10 -9.09
C HIS A 95 -4.79 -4.70 -9.34
N TYR A 96 -4.20 -4.03 -8.36
CA TYR A 96 -2.83 -3.55 -8.51
C TYR A 96 -1.84 -4.66 -8.16
N LYS A 97 -2.36 -5.73 -7.59
CA LYS A 97 -1.59 -6.93 -7.34
C LYS A 97 -1.25 -7.58 -8.67
N LYS A 98 -2.13 -7.40 -9.64
CA LYS A 98 -1.90 -7.92 -10.98
C LYS A 98 -1.25 -6.85 -11.85
N ASN A 99 -1.67 -5.61 -11.67
CA ASN A 99 -1.16 -4.50 -12.47
C ASN A 99 -0.46 -3.47 -11.58
N PRO A 100 0.88 -3.54 -11.49
CA PRO A 100 1.68 -2.61 -10.69
C PRO A 100 1.44 -1.15 -11.07
N MET A 101 1.34 -0.29 -10.08
CA MET A 101 1.13 1.13 -10.30
C MET A 101 2.46 1.88 -10.16
N VAL A 102 2.74 2.80 -11.08
CA VAL A 102 4.06 3.43 -11.16
C VAL A 102 4.05 4.86 -10.59
N GLU A 103 5.11 5.23 -9.89
CA GLU A 103 5.32 6.62 -9.48
C GLU A 103 6.04 7.38 -10.59
N THR A 104 5.98 8.71 -10.52
CA THR A 104 6.66 9.53 -11.51
C THR A 104 8.16 9.54 -11.25
N LEU A 105 8.56 9.01 -10.09
CA LEU A 105 9.97 8.88 -9.74
C LEU A 105 10.51 7.53 -10.18
N GLY A 106 9.71 6.80 -10.94
CA GLY A 106 10.12 5.52 -11.47
C GLY A 106 9.76 4.37 -10.56
N THR A 107 9.67 4.62 -9.25
CA THR A 107 9.25 3.60 -8.31
C THR A 107 7.87 3.09 -8.67
N VAL A 108 7.81 1.84 -9.08
CA VAL A 108 6.52 1.23 -9.34
C VAL A 108 6.25 0.15 -8.31
N LEU A 109 5.07 0.24 -7.74
CA LEU A 109 4.73 -0.54 -6.57
C LEU A 109 4.35 -1.95 -6.97
N GLN A 110 5.19 -2.90 -6.55
CA GLN A 110 4.99 -4.29 -6.87
C GLN A 110 4.15 -4.97 -5.79
N LEU A 111 2.85 -4.96 -5.98
CA LEU A 111 1.94 -5.64 -5.09
C LEU A 111 1.93 -7.13 -5.42
N LYS A 112 2.58 -7.92 -4.58
CA LYS A 112 2.69 -9.35 -4.83
C LYS A 112 1.93 -10.17 -3.79
N GLN A 113 2.23 -9.94 -2.51
CA GLN A 113 1.54 -10.66 -1.44
C GLN A 113 1.28 -9.76 -0.25
N PRO A 114 0.14 -9.97 0.44
CA PRO A 114 -0.29 -9.14 1.57
C PRO A 114 0.51 -9.38 2.84
N LEU A 115 0.74 -8.32 3.60
CA LEU A 115 1.44 -8.41 4.87
C LEU A 115 0.45 -8.82 5.96
N ASN A 116 0.72 -9.96 6.59
CA ASN A 116 -0.13 -10.48 7.65
C ASN A 116 -0.29 -9.49 8.80
N THR A 117 -1.46 -9.47 9.40
CA THR A 117 -1.74 -8.55 10.50
C THR A 117 -1.06 -8.99 11.78
N THR A 118 -0.03 -8.25 12.16
CA THR A 118 0.67 -8.51 13.40
C THR A 118 0.39 -7.39 14.40
N ARG A 119 -0.27 -7.76 15.49
CA ARG A 119 -0.64 -6.79 16.51
C ARG A 119 0.06 -7.12 17.81
N GLU B 1 9.64 12.49 3.38
CA GLU B 1 10.75 11.57 3.71
C GLU B 1 10.18 10.23 4.13
N GLN B 2 10.47 9.19 3.33
CA GLN B 2 9.99 7.84 3.59
C GLN B 2 8.47 7.79 3.65
N THR B 3 7.86 8.77 3.00
CA THR B 3 6.42 8.90 2.94
C THR B 3 6.03 9.26 1.52
N GLU B 4 5.88 10.57 1.24
CA GLU B 4 5.70 11.08 -0.12
C GLU B 4 4.31 10.76 -0.65
N ALA B 6 2.93 7.88 -3.00
CA ALA B 6 3.07 7.67 -4.44
C ALA B 6 1.95 8.32 -5.23
N THR B 7 2.35 9.16 -6.19
CA THR B 7 1.43 9.84 -7.08
C THR B 7 0.63 8.86 -7.92
N ILE B 8 1.35 7.96 -8.58
CA ILE B 8 0.76 6.92 -9.40
C ILE B 8 0.43 7.47 -10.77
N VAL B 9 1.45 7.52 -11.60
CA VAL B 9 1.32 7.99 -12.95
C VAL B 9 1.38 6.83 -13.91
N PHE B 10 0.41 6.78 -14.79
CA PHE B 10 0.37 5.78 -15.84
C PHE B 10 0.90 6.37 -17.15
N PRO B 11 2.20 6.21 -17.41
CA PRO B 11 2.85 6.79 -18.60
C PRO B 11 2.38 6.13 -19.89
N GLY A 1 -20.91 -0.72 8.63
CA GLY A 1 -20.51 -1.30 9.94
C GLY A 1 -19.19 -2.06 9.84
N PRO A 2 -18.40 -2.12 10.92
CA PRO A 2 -17.13 -2.84 10.94
C PRO A 2 -17.31 -4.35 11.08
N MET A 3 -18.14 -4.91 10.21
CA MET A 3 -18.30 -6.34 10.14
C MET A 3 -18.31 -6.76 8.69
N ALA A 4 -19.14 -6.08 7.92
CA ALA A 4 -19.20 -6.29 6.49
C ALA A 4 -18.32 -5.26 5.79
N ASP A 5 -17.37 -4.71 6.53
CA ASP A 5 -16.46 -3.71 6.02
C ASP A 5 -15.45 -4.37 5.08
N PRO A 6 -15.01 -3.64 4.04
CA PRO A 6 -14.12 -4.17 3.01
C PRO A 6 -12.70 -4.29 3.52
N THR A 7 -12.48 -3.77 4.70
CA THR A 7 -11.17 -3.72 5.29
C THR A 7 -10.98 -4.84 6.30
N SER A 8 -11.96 -5.72 6.40
CA SER A 8 -11.89 -6.84 7.34
C SER A 8 -10.98 -7.96 6.81
N GLU A 9 -9.83 -7.56 6.30
CA GLU A 9 -8.87 -8.49 5.71
C GLU A 9 -7.50 -8.31 6.36
N ARG A 10 -6.60 -9.24 6.11
CA ARG A 10 -5.33 -9.31 6.83
C ARG A 10 -4.27 -8.36 6.28
N TRP A 11 -4.49 -7.84 5.08
CA TRP A 11 -3.57 -6.85 4.53
C TRP A 11 -3.92 -5.46 5.02
N PHE A 12 -5.14 -5.31 5.50
CA PHE A 12 -5.58 -4.08 6.13
C PHE A 12 -5.06 -4.01 7.55
N HIS A 13 -4.23 -3.02 7.81
CA HIS A 13 -3.75 -2.75 9.16
C HIS A 13 -4.29 -1.40 9.61
N GLY A 14 -5.16 -1.43 10.61
CA GLY A 14 -5.85 -0.22 11.04
C GLY A 14 -4.93 0.84 11.61
N HIS A 15 -4.41 0.61 12.81
CA HIS A 15 -3.60 1.60 13.49
C HIS A 15 -2.15 1.55 13.03
N LEU A 16 -1.84 2.30 11.98
CA LEU A 16 -0.47 2.43 11.50
C LEU A 16 -0.20 3.84 11.01
N SER A 17 0.95 4.37 11.36
CA SER A 17 1.43 5.62 10.78
C SER A 17 2.48 5.29 9.72
N GLY A 18 2.93 6.30 8.99
CA GLY A 18 3.89 6.09 7.91
C GLY A 18 5.09 5.25 8.31
N LYS A 19 5.76 5.63 9.38
CA LYS A 19 6.98 4.93 9.80
C LYS A 19 6.64 3.60 10.47
N GLU A 20 5.44 3.50 11.03
CA GLU A 20 5.00 2.27 11.66
C GLU A 20 4.75 1.20 10.60
N ALA A 21 4.03 1.60 9.56
CA ALA A 21 3.76 0.72 8.43
C ALA A 21 5.04 0.41 7.67
N GLU A 22 5.93 1.38 7.63
CA GLU A 22 7.22 1.23 6.99
C GLU A 22 8.01 0.13 7.68
N LYS A 23 8.08 0.20 9.01
CA LYS A 23 8.77 -0.80 9.81
C LYS A 23 8.16 -2.19 9.59
N LEU A 24 6.84 -2.22 9.39
CA LEU A 24 6.13 -3.49 9.17
C LEU A 24 6.73 -4.26 8.00
N LEU A 25 6.82 -3.58 6.86
CA LEU A 25 7.34 -4.19 5.64
C LEU A 25 8.85 -4.33 5.65
N THR A 26 9.55 -3.29 6.07
CA THR A 26 11.01 -3.27 6.03
C THR A 26 11.59 -4.39 6.89
N GLU A 27 10.93 -4.67 8.01
CA GLU A 27 11.40 -5.69 8.93
C GLU A 27 10.74 -7.05 8.69
N LYS A 28 9.41 -7.07 8.67
CA LYS A 28 8.67 -8.33 8.66
C LYS A 28 8.23 -8.72 7.26
N GLY A 29 8.13 -7.75 6.36
CA GLY A 29 7.69 -8.03 5.01
C GLY A 29 8.84 -8.37 4.09
N LYS A 30 8.51 -8.69 2.85
CA LYS A 30 9.52 -9.01 1.85
C LYS A 30 9.18 -8.30 0.54
N HIS A 31 10.05 -8.41 -0.46
CA HIS A 31 9.83 -7.74 -1.74
C HIS A 31 8.51 -8.19 -2.36
N GLY A 32 7.59 -7.24 -2.53
CA GLY A 32 6.30 -7.56 -3.11
C GLY A 32 5.19 -7.61 -2.07
N SER A 33 5.56 -7.47 -0.81
CA SER A 33 4.56 -7.44 0.26
C SER A 33 3.84 -6.10 0.27
N PHE A 34 2.53 -6.15 0.46
CA PHE A 34 1.74 -4.93 0.52
C PHE A 34 0.72 -5.02 1.65
N LEU A 35 0.40 -3.87 2.22
CA LEU A 35 -0.60 -3.78 3.25
C LEU A 35 -1.26 -2.40 3.19
N VAL A 36 -2.57 -2.36 3.27
CA VAL A 36 -3.26 -1.09 3.28
C VAL A 36 -3.58 -0.70 4.71
N ARG A 37 -3.44 0.56 5.00
CA ARG A 37 -3.60 1.06 6.35
C ARG A 37 -4.33 2.38 6.32
N GLU A 38 -4.86 2.79 7.47
CA GLU A 38 -5.55 4.05 7.58
C GLU A 38 -4.53 5.19 7.65
N SER A 39 -4.69 6.19 6.80
CA SER A 39 -3.80 7.34 6.80
C SER A 39 -4.15 8.24 7.97
N GLN A 40 -3.12 8.74 8.63
CA GLN A 40 -3.31 9.60 9.78
C GLN A 40 -3.10 11.06 9.38
N SER A 41 -2.39 11.26 8.28
CA SER A 41 -2.23 12.59 7.72
C SER A 41 -3.40 12.91 6.78
N HIS A 42 -3.96 11.86 6.18
CA HIS A 42 -5.14 12.00 5.34
C HIS A 42 -6.29 11.23 5.96
N PRO A 43 -6.97 11.83 6.96
CA PRO A 43 -8.04 11.15 7.71
C PRO A 43 -9.23 10.79 6.82
N GLY A 44 -9.70 9.55 6.96
CA GLY A 44 -10.81 9.09 6.15
C GLY A 44 -10.33 8.36 4.92
N ASP A 45 -9.04 8.44 4.64
CA ASP A 45 -8.44 7.78 3.49
C ASP A 45 -7.50 6.69 3.95
N PHE A 46 -7.08 5.85 3.01
CA PHE A 46 -6.23 4.72 3.30
C PHE A 46 -4.98 4.78 2.44
N VAL A 47 -3.95 4.04 2.81
CA VAL A 47 -2.73 4.02 2.02
C VAL A 47 -2.24 2.59 1.83
N LEU A 48 -1.81 2.28 0.62
CA LEU A 48 -1.25 0.99 0.28
C LEU A 48 0.26 1.05 0.46
N SER A 49 0.78 0.38 1.44
CA SER A 49 2.22 0.40 1.65
C SER A 49 2.83 -0.88 1.11
N VAL A 50 3.87 -0.72 0.30
CA VAL A 50 4.48 -1.84 -0.38
C VAL A 50 6.00 -1.82 -0.20
N ARG A 51 6.60 -3.01 -0.15
CA ARG A 51 8.05 -3.09 -0.08
C ARG A 51 8.63 -3.21 -1.48
N THR A 52 9.20 -2.10 -1.94
CA THR A 52 9.79 -2.02 -3.26
C THR A 52 11.30 -2.08 -3.16
N GLY A 53 11.94 -2.67 -4.16
CA GLY A 53 13.37 -2.85 -4.09
C GLY A 53 13.76 -3.97 -3.16
N ASP A 54 15.04 -4.30 -3.15
CA ASP A 54 15.55 -5.36 -2.30
C ASP A 54 16.35 -4.77 -1.14
N ASP A 55 16.76 -5.62 -0.19
CA ASP A 55 17.53 -5.18 0.96
C ASP A 55 19.03 -5.37 0.72
N LYS A 56 19.36 -6.06 -0.35
CA LYS A 56 20.75 -6.15 -0.80
C LYS A 56 20.99 -5.15 -1.91
N GLY A 57 19.90 -4.70 -2.53
CA GLY A 57 19.99 -3.68 -3.54
C GLY A 57 20.03 -4.23 -4.95
N GLU A 58 18.93 -4.80 -5.40
CA GLU A 58 18.83 -5.30 -6.77
C GLU A 58 18.65 -4.14 -7.73
N SER A 59 17.58 -3.38 -7.52
CA SER A 59 17.26 -2.23 -8.35
C SER A 59 17.16 -0.98 -7.48
N ASN A 60 17.93 -0.99 -6.41
CA ASN A 60 17.90 0.10 -5.43
C ASN A 60 19.14 0.05 -4.55
N ASP A 61 19.16 0.85 -3.49
CA ASP A 61 20.26 0.84 -2.55
C ASP A 61 20.13 -0.38 -1.62
N GLY A 62 21.05 -0.54 -0.68
CA GLY A 62 21.07 -1.71 0.17
C GLY A 62 20.13 -1.58 1.36
N LYS A 63 18.93 -1.10 1.09
CA LYS A 63 17.90 -0.94 2.12
C LYS A 63 16.54 -1.24 1.53
N SER A 64 15.70 -1.93 2.29
CA SER A 64 14.36 -2.24 1.84
C SER A 64 13.53 -0.99 1.80
N LYS A 65 12.96 -0.71 0.64
CA LYS A 65 12.18 0.51 0.47
C LYS A 65 10.70 0.21 0.67
N VAL A 66 10.03 1.09 1.37
CA VAL A 66 8.59 0.97 1.52
C VAL A 66 7.90 2.20 0.94
N THR A 67 7.17 1.97 -0.13
CA THR A 67 6.40 3.01 -0.74
C THR A 67 4.95 2.92 -0.27
N HIS A 68 4.38 4.04 0.09
CA HIS A 68 3.01 4.07 0.54
C HIS A 68 2.18 4.80 -0.50
N VAL A 69 1.22 4.12 -1.10
CA VAL A 69 0.41 4.72 -2.15
C VAL A 69 -0.89 5.20 -1.55
N MET A 70 -1.28 6.42 -1.90
CA MET A 70 -2.46 7.02 -1.31
C MET A 70 -3.72 6.48 -1.96
N ILE A 71 -4.57 5.86 -1.15
CA ILE A 71 -5.84 5.35 -1.62
C ILE A 71 -6.93 6.33 -1.25
N ARG A 72 -7.46 7.04 -2.23
CA ARG A 72 -8.52 7.99 -2.00
C ARG A 72 -9.80 7.27 -1.64
N CYS A 73 -10.38 7.63 -0.50
CA CYS A 73 -11.63 7.04 -0.06
C CYS A 73 -12.68 8.12 0.04
N GLN A 74 -13.71 8.01 -0.79
CA GLN A 74 -14.80 8.97 -0.81
C GLN A 74 -16.12 8.26 -1.03
N GLU A 75 -16.97 8.27 -0.01
CA GLU A 75 -18.25 7.60 -0.05
C GLU A 75 -18.09 6.10 -0.28
N LEU A 76 -17.22 5.50 0.52
CA LEU A 76 -16.93 4.07 0.45
C LEU A 76 -16.43 3.69 -0.94
N LYS A 77 -15.48 4.46 -1.44
CA LYS A 77 -14.89 4.20 -2.74
C LYS A 77 -13.38 4.31 -2.63
N TYR A 78 -12.68 3.33 -3.17
CA TYR A 78 -11.22 3.27 -3.04
C TYR A 78 -10.56 3.36 -4.40
N ASP A 79 -9.53 4.19 -4.50
CA ASP A 79 -8.79 4.35 -5.74
C ASP A 79 -7.37 4.85 -5.48
N VAL A 80 -6.39 4.20 -6.08
CA VAL A 80 -5.00 4.65 -5.98
C VAL A 80 -4.76 5.75 -7.03
N GLY A 81 -5.67 5.84 -7.98
CA GLY A 81 -5.57 6.82 -9.04
C GLY A 81 -5.56 6.16 -10.40
N GLY A 82 -5.83 4.86 -10.44
CA GLY A 82 -5.73 4.13 -11.69
C GLY A 82 -6.88 3.17 -11.91
N GLY A 83 -7.34 3.08 -13.15
CA GLY A 83 -8.36 2.13 -13.50
C GLY A 83 -9.72 2.50 -12.95
N GLU A 84 -10.56 1.50 -12.71
CA GLU A 84 -11.88 1.73 -12.15
C GLU A 84 -11.83 1.83 -10.63
N ARG A 85 -12.67 2.69 -10.09
CA ARG A 85 -12.76 2.86 -8.64
C ARG A 85 -13.59 1.73 -8.05
N PHE A 86 -13.14 1.19 -6.94
CA PHE A 86 -13.81 0.04 -6.35
C PHE A 86 -14.51 0.40 -5.05
N ASP A 87 -15.59 -0.31 -4.77
CA ASP A 87 -16.41 -0.07 -3.59
C ASP A 87 -15.82 -0.79 -2.38
N SER A 88 -14.84 -1.64 -2.65
CA SER A 88 -14.19 -2.42 -1.59
C SER A 88 -12.69 -2.45 -1.82
N LEU A 89 -11.95 -2.42 -0.72
CA LEU A 89 -10.49 -2.33 -0.77
C LEU A 89 -9.87 -3.63 -1.28
N THR A 90 -10.59 -4.73 -1.12
CA THR A 90 -10.14 -6.01 -1.64
C THR A 90 -9.98 -5.94 -3.16
N ASP A 91 -11.01 -5.41 -3.82
CA ASP A 91 -10.96 -5.24 -5.27
C ASP A 91 -9.86 -4.27 -5.66
N LEU A 92 -9.58 -3.32 -4.77
CA LEU A 92 -8.54 -2.31 -4.99
C LEU A 92 -7.16 -2.96 -5.03
N VAL A 93 -6.84 -3.70 -3.99
CA VAL A 93 -5.50 -4.27 -3.84
C VAL A 93 -5.23 -5.32 -4.91
N GLU A 94 -6.21 -6.17 -5.16
CA GLU A 94 -6.11 -7.20 -6.19
C GLU A 94 -5.94 -6.58 -7.58
N HIS A 95 -6.52 -5.40 -7.78
CA HIS A 95 -6.47 -4.75 -9.08
C HIS A 95 -5.05 -4.38 -9.45
N TYR A 96 -4.36 -3.69 -8.55
CA TYR A 96 -3.00 -3.24 -8.83
C TYR A 96 -2.01 -4.37 -8.61
N LYS A 97 -2.50 -5.47 -8.05
CA LYS A 97 -1.72 -6.69 -7.92
C LYS A 97 -1.56 -7.31 -9.31
N LYS A 98 -2.49 -6.97 -10.19
CA LYS A 98 -2.46 -7.43 -11.56
C LYS A 98 -1.81 -6.38 -12.45
N ASN A 99 -2.06 -5.11 -12.15
CA ASN A 99 -1.42 -4.02 -12.88
C ASN A 99 -0.63 -3.11 -11.95
N PRO A 100 0.71 -3.25 -11.97
CA PRO A 100 1.62 -2.44 -11.14
C PRO A 100 1.46 -0.95 -11.41
N MET A 101 1.25 -0.18 -10.36
CA MET A 101 1.11 1.25 -10.47
C MET A 101 2.48 1.92 -10.33
N VAL A 102 2.83 2.76 -11.30
CA VAL A 102 4.17 3.36 -11.36
C VAL A 102 4.19 4.78 -10.79
N GLU A 103 5.23 5.08 -10.05
CA GLU A 103 5.50 6.43 -9.58
C GLU A 103 6.25 7.24 -10.62
N THR A 104 6.12 8.55 -10.54
CA THR A 104 6.80 9.44 -11.46
C THR A 104 8.29 9.47 -11.15
N LEU A 105 8.66 8.92 -9.99
CA LEU A 105 10.05 8.81 -9.59
C LEU A 105 10.60 7.47 -10.05
N GLY A 106 9.82 6.73 -10.83
CA GLY A 106 10.26 5.47 -11.37
C GLY A 106 9.90 4.29 -10.48
N THR A 107 9.60 4.58 -9.21
CA THR A 107 9.20 3.55 -8.27
C THR A 107 7.86 2.96 -8.68
N VAL A 108 7.84 1.72 -9.12
CA VAL A 108 6.58 1.09 -9.42
C VAL A 108 6.29 -0.02 -8.43
N LEU A 109 5.12 0.05 -7.86
CA LEU A 109 4.77 -0.78 -6.73
C LEU A 109 4.34 -2.16 -7.20
N GLN A 110 5.18 -3.14 -6.90
CA GLN A 110 4.89 -4.52 -7.27
C GLN A 110 4.16 -5.23 -6.14
N LEU A 111 2.84 -5.14 -6.18
CA LEU A 111 1.97 -5.81 -5.23
C LEU A 111 1.91 -7.30 -5.55
N LYS A 112 2.48 -8.13 -4.69
CA LYS A 112 2.48 -9.57 -4.93
C LYS A 112 1.65 -10.30 -3.88
N GLN A 113 1.97 -10.12 -2.61
CA GLN A 113 1.22 -10.77 -1.55
C GLN A 113 1.14 -9.89 -0.31
N PRO A 114 0.03 -10.03 0.45
CA PRO A 114 -0.28 -9.16 1.59
C PRO A 114 0.60 -9.41 2.81
N LEU A 115 0.82 -8.35 3.59
CA LEU A 115 1.52 -8.45 4.86
C LEU A 115 0.52 -8.83 5.94
N ASN A 116 0.67 -10.02 6.52
CA ASN A 116 -0.26 -10.51 7.53
C ASN A 116 -0.23 -9.63 8.77
N THR A 117 -1.35 -9.57 9.47
CA THR A 117 -1.47 -8.76 10.67
C THR A 117 -0.85 -9.46 11.87
N THR A 118 0.25 -8.91 12.36
CA THR A 118 0.88 -9.45 13.56
C THR A 118 0.27 -8.77 14.79
N ARG A 119 -0.56 -9.50 15.50
CA ARG A 119 -1.28 -8.96 16.64
C ARG A 119 -0.81 -9.60 17.93
N GLU B 1 13.46 10.43 1.59
CA GLU B 1 12.10 10.40 1.02
C GLU B 1 11.35 9.15 1.48
N GLN B 2 11.03 9.11 2.77
CA GLN B 2 10.25 8.01 3.32
C GLN B 2 8.80 8.44 3.47
N THR B 3 7.90 7.48 3.57
CA THR B 3 6.46 7.78 3.56
C THR B 3 6.13 8.61 2.31
N GLU B 4 5.80 9.91 2.49
CA GLU B 4 5.59 10.84 1.38
C GLU B 4 4.29 10.52 0.62
N ALA B 6 3.17 7.78 -2.45
CA ALA B 6 3.38 7.72 -3.88
C ALA B 6 2.22 8.37 -4.64
N THR B 7 2.59 9.23 -5.59
CA THR B 7 1.65 9.97 -6.42
C THR B 7 0.93 9.05 -7.39
N ILE B 8 1.71 8.20 -8.07
CA ILE B 8 1.18 7.17 -8.94
C ILE B 8 0.74 7.76 -10.26
N VAL B 9 1.67 7.79 -11.19
CA VAL B 9 1.39 8.29 -12.52
C VAL B 9 1.14 7.13 -13.46
N PHE B 10 -0.01 7.17 -14.09
CA PHE B 10 -0.32 6.26 -15.20
C PHE B 10 -0.18 6.96 -16.54
N PRO B 11 1.05 7.06 -17.07
CA PRO B 11 1.31 7.65 -18.36
C PRO B 11 1.19 6.62 -19.48
N GLY A 1 -16.46 -7.64 1.06
CA GLY A 1 -17.66 -7.83 1.90
C GLY A 1 -18.45 -6.54 2.07
N PRO A 2 -19.64 -6.43 1.45
CA PRO A 2 -20.45 -5.22 1.53
C PRO A 2 -21.37 -5.21 2.74
N MET A 3 -21.40 -6.30 3.49
CA MET A 3 -22.27 -6.39 4.67
C MET A 3 -21.49 -5.98 5.91
N ALA A 4 -20.26 -5.54 5.69
CA ALA A 4 -19.41 -5.04 6.74
C ALA A 4 -18.50 -3.97 6.17
N ASP A 5 -17.45 -3.61 6.88
CA ASP A 5 -16.47 -2.70 6.34
C ASP A 5 -15.55 -3.49 5.40
N PRO A 6 -15.19 -2.91 4.24
CA PRO A 6 -14.45 -3.62 3.20
C PRO A 6 -13.01 -3.83 3.60
N THR A 7 -12.66 -3.25 4.73
CA THR A 7 -11.30 -3.28 5.24
C THR A 7 -11.09 -4.42 6.22
N SER A 8 -12.10 -5.27 6.38
CA SER A 8 -11.98 -6.43 7.26
C SER A 8 -11.15 -7.54 6.61
N GLU A 9 -9.91 -7.19 6.28
CA GLU A 9 -8.99 -8.09 5.61
C GLU A 9 -7.63 -8.05 6.29
N ARG A 10 -6.84 -9.11 6.13
CA ARG A 10 -5.60 -9.26 6.88
C ARG A 10 -4.48 -8.36 6.35
N TRP A 11 -4.66 -7.80 5.17
CA TRP A 11 -3.68 -6.85 4.65
C TRP A 11 -4.01 -5.43 5.07
N PHE A 12 -5.22 -5.24 5.57
CA PHE A 12 -5.62 -3.97 6.16
C PHE A 12 -5.11 -3.88 7.59
N HIS A 13 -4.31 -2.86 7.84
CA HIS A 13 -3.81 -2.61 9.17
C HIS A 13 -4.43 -1.33 9.71
N GLY A 14 -4.76 -1.34 10.99
CA GLY A 14 -5.44 -0.20 11.56
C GLY A 14 -4.51 0.97 11.85
N HIS A 15 -3.94 0.98 13.04
CA HIS A 15 -3.15 2.12 13.49
C HIS A 15 -1.67 1.94 13.18
N LEU A 16 -1.26 2.46 12.03
CA LEU A 16 0.14 2.45 11.65
C LEU A 16 0.56 3.82 11.11
N SER A 17 1.64 4.35 11.65
CA SER A 17 2.21 5.57 11.13
C SER A 17 3.13 5.26 9.94
N GLY A 18 3.61 6.30 9.27
CA GLY A 18 4.45 6.12 8.09
C GLY A 18 5.60 5.16 8.31
N LYS A 19 6.39 5.41 9.36
CA LYS A 19 7.54 4.56 9.66
C LYS A 19 7.10 3.20 10.20
N GLU A 20 5.97 3.18 10.91
CA GLU A 20 5.45 1.95 11.47
C GLU A 20 5.07 0.98 10.36
N ALA A 21 4.35 1.49 9.36
CA ALA A 21 3.95 0.68 8.23
C ALA A 21 5.17 0.26 7.41
N GLU A 22 6.16 1.12 7.35
CA GLU A 22 7.41 0.81 6.68
C GLU A 22 8.12 -0.32 7.42
N LYS A 23 8.26 -0.15 8.73
CA LYS A 23 8.93 -1.12 9.57
C LYS A 23 8.23 -2.48 9.48
N LEU A 24 6.91 -2.44 9.33
CA LEU A 24 6.11 -3.66 9.19
C LEU A 24 6.61 -4.48 8.00
N LEU A 25 6.72 -3.82 6.86
CA LEU A 25 7.14 -4.47 5.62
C LEU A 25 8.64 -4.76 5.59
N THR A 26 9.44 -3.77 5.95
CA THR A 26 10.90 -3.89 5.86
C THR A 26 11.43 -4.97 6.80
N GLU A 27 10.72 -5.21 7.89
CA GLU A 27 11.11 -6.24 8.84
C GLU A 27 10.37 -7.55 8.59
N LYS A 28 9.04 -7.49 8.53
CA LYS A 28 8.21 -8.70 8.51
C LYS A 28 7.67 -9.03 7.12
N GLY A 29 8.18 -8.36 6.10
CA GLY A 29 7.71 -8.61 4.75
C GLY A 29 8.85 -8.91 3.80
N LYS A 30 8.56 -8.81 2.51
CA LYS A 30 9.57 -9.00 1.47
C LYS A 30 9.17 -8.24 0.23
N HIS A 31 10.03 -8.25 -0.80
CA HIS A 31 9.73 -7.62 -2.07
C HIS A 31 8.32 -8.00 -2.55
N GLY A 32 7.48 -7.00 -2.74
CA GLY A 32 6.14 -7.24 -3.25
C GLY A 32 5.09 -7.26 -2.16
N SER A 33 5.53 -7.28 -0.91
CA SER A 33 4.59 -7.27 0.21
C SER A 33 3.88 -5.92 0.31
N PHE A 34 2.57 -5.97 0.52
CA PHE A 34 1.78 -4.75 0.61
C PHE A 34 0.78 -4.85 1.75
N LEU A 35 0.47 -3.70 2.33
CA LEU A 35 -0.55 -3.63 3.37
C LEU A 35 -1.21 -2.26 3.30
N VAL A 36 -2.52 -2.22 3.38
CA VAL A 36 -3.22 -0.95 3.38
C VAL A 36 -3.53 -0.55 4.80
N ARG A 37 -3.44 0.72 5.09
CA ARG A 37 -3.69 1.21 6.43
C ARG A 37 -4.43 2.54 6.37
N GLU A 38 -5.04 2.91 7.48
CA GLU A 38 -5.73 4.18 7.57
C GLU A 38 -4.71 5.32 7.61
N SER A 39 -4.92 6.30 6.75
CA SER A 39 -4.00 7.42 6.66
C SER A 39 -4.25 8.39 7.81
N GLN A 40 -3.16 8.82 8.46
CA GLN A 40 -3.26 9.68 9.62
C GLN A 40 -3.21 11.14 9.22
N SER A 41 -2.34 11.47 8.27
CA SER A 41 -2.24 12.81 7.76
C SER A 41 -3.35 13.07 6.75
N HIS A 42 -4.01 12.00 6.32
CA HIS A 42 -5.11 12.10 5.37
C HIS A 42 -6.34 11.39 5.93
N PRO A 43 -7.02 12.02 6.91
CA PRO A 43 -8.19 11.43 7.58
C PRO A 43 -9.31 11.11 6.60
N GLY A 44 -9.77 9.87 6.64
CA GLY A 44 -10.83 9.44 5.75
C GLY A 44 -10.31 8.55 4.64
N ASP A 45 -9.07 8.79 4.22
CA ASP A 45 -8.46 8.03 3.14
C ASP A 45 -7.57 6.93 3.69
N PHE A 46 -7.09 6.07 2.81
CA PHE A 46 -6.25 4.96 3.20
C PHE A 46 -4.96 5.00 2.40
N VAL A 47 -3.97 4.24 2.81
CA VAL A 47 -2.74 4.16 2.05
C VAL A 47 -2.28 2.72 1.87
N LEU A 48 -1.85 2.42 0.67
CA LEU A 48 -1.29 1.13 0.34
C LEU A 48 0.21 1.19 0.50
N SER A 49 0.76 0.54 1.51
CA SER A 49 2.18 0.60 1.72
C SER A 49 2.82 -0.68 1.19
N VAL A 50 3.84 -0.54 0.37
CA VAL A 50 4.44 -1.67 -0.32
C VAL A 50 5.96 -1.68 -0.17
N ARG A 51 6.53 -2.87 -0.14
CA ARG A 51 7.97 -3.01 -0.08
C ARG A 51 8.54 -3.14 -1.49
N THR A 52 9.14 -2.06 -1.96
CA THR A 52 9.67 -2.01 -3.31
C THR A 52 11.20 -2.12 -3.30
N GLY A 53 11.73 -2.73 -4.34
CA GLY A 53 13.17 -2.89 -4.45
C GLY A 53 13.68 -4.13 -3.74
N ASP A 54 14.99 -4.29 -3.73
CA ASP A 54 15.62 -5.41 -3.03
C ASP A 54 16.25 -4.94 -1.73
N ASP A 55 16.40 -5.85 -0.79
CA ASP A 55 17.04 -5.55 0.49
C ASP A 55 18.48 -6.01 0.48
N LYS A 56 18.89 -6.62 -0.62
CA LYS A 56 20.25 -7.08 -0.79
C LYS A 56 20.92 -6.34 -1.93
N GLY A 57 22.18 -6.02 -1.77
CA GLY A 57 22.90 -5.27 -2.77
C GLY A 57 22.96 -3.80 -2.44
N GLU A 58 22.07 -3.37 -1.53
CA GLU A 58 21.97 -1.98 -1.13
C GLU A 58 21.66 -1.09 -2.33
N SER A 59 20.69 -1.51 -3.12
CA SER A 59 20.28 -0.77 -4.30
C SER A 59 19.41 0.44 -3.92
N ASN A 60 19.02 0.49 -2.65
CA ASN A 60 18.30 1.63 -2.11
C ASN A 60 19.20 2.36 -1.12
N ASP A 61 18.66 2.70 0.05
CA ASP A 61 19.45 3.32 1.10
C ASP A 61 20.28 2.26 1.82
N GLY A 62 19.92 1.01 1.58
CA GLY A 62 20.61 -0.11 2.18
C GLY A 62 19.77 -1.36 2.10
N LYS A 63 18.58 -1.30 2.67
CA LYS A 63 17.62 -2.38 2.56
C LYS A 63 16.60 -2.05 1.49
N SER A 64 15.47 -2.73 1.54
CA SER A 64 14.35 -2.41 0.66
C SER A 64 13.77 -1.05 1.02
N LYS A 65 12.98 -0.49 0.13
CA LYS A 65 12.36 0.79 0.37
C LYS A 65 10.84 0.65 0.32
N VAL A 66 10.16 1.16 1.33
CA VAL A 66 8.71 1.03 1.41
C VAL A 66 8.01 2.30 0.93
N THR A 67 7.28 2.14 -0.16
CA THR A 67 6.47 3.20 -0.72
C THR A 67 5.03 3.08 -0.24
N HIS A 68 4.41 4.21 0.04
CA HIS A 68 3.03 4.22 0.53
C HIS A 68 2.16 4.96 -0.47
N VAL A 69 1.19 4.27 -1.05
CA VAL A 69 0.37 4.85 -2.12
C VAL A 69 -0.94 5.33 -1.53
N MET A 70 -1.35 6.52 -1.92
CA MET A 70 -2.54 7.11 -1.38
C MET A 70 -3.79 6.50 -2.01
N ILE A 71 -4.58 5.83 -1.20
CA ILE A 71 -5.83 5.27 -1.68
C ILE A 71 -6.94 6.28 -1.40
N ARG A 72 -7.40 6.92 -2.44
CA ARG A 72 -8.39 7.97 -2.31
C ARG A 72 -9.78 7.36 -2.21
N CYS A 73 -10.44 7.61 -1.09
CA CYS A 73 -11.77 7.07 -0.86
C CYS A 73 -12.81 8.16 -1.03
N GLN A 74 -13.58 8.05 -2.10
CA GLN A 74 -14.66 9.00 -2.36
C GLN A 74 -16.00 8.29 -2.25
N GLU A 75 -16.73 8.57 -1.18
CA GLU A 75 -18.03 7.95 -0.94
C GLU A 75 -17.92 6.43 -0.88
N LEU A 76 -17.01 5.96 -0.04
CA LEU A 76 -16.78 4.53 0.15
C LEU A 76 -16.35 3.85 -1.15
N LYS A 77 -15.48 4.52 -1.87
CA LYS A 77 -14.94 3.98 -3.11
C LYS A 77 -13.43 4.21 -3.12
N TYR A 78 -12.67 3.17 -3.41
CA TYR A 78 -11.22 3.22 -3.28
C TYR A 78 -10.54 3.33 -4.65
N ASP A 79 -9.52 4.18 -4.73
CA ASP A 79 -8.78 4.36 -5.98
C ASP A 79 -7.34 4.78 -5.68
N VAL A 80 -6.37 4.24 -6.42
CA VAL A 80 -4.98 4.71 -6.28
C VAL A 80 -4.69 5.75 -7.37
N GLY A 81 -5.52 6.78 -7.40
CA GLY A 81 -5.30 7.93 -8.26
C GLY A 81 -5.78 7.71 -9.69
N GLY A 82 -5.59 6.52 -10.22
CA GLY A 82 -5.95 6.24 -11.59
C GLY A 82 -6.61 4.89 -11.78
N GLY A 83 -7.46 4.79 -12.80
CA GLY A 83 -8.07 3.53 -13.14
C GLY A 83 -9.56 3.50 -12.84
N GLU A 84 -10.03 2.36 -12.38
CA GLU A 84 -11.41 2.20 -11.98
C GLU A 84 -11.51 2.14 -10.47
N ARG A 85 -12.55 2.72 -9.92
CA ARG A 85 -12.73 2.78 -8.48
C ARG A 85 -13.53 1.59 -7.99
N PHE A 86 -13.13 1.04 -6.86
CA PHE A 86 -13.75 -0.17 -6.34
C PHE A 86 -14.48 0.11 -5.03
N ASP A 87 -15.57 -0.62 -4.80
CA ASP A 87 -16.39 -0.44 -3.59
C ASP A 87 -15.76 -1.14 -2.41
N SER A 88 -14.83 -2.04 -2.68
CA SER A 88 -14.15 -2.77 -1.64
C SER A 88 -12.64 -2.70 -1.86
N LEU A 89 -11.90 -2.62 -0.76
CA LEU A 89 -10.46 -2.46 -0.82
C LEU A 89 -9.79 -3.74 -1.32
N THR A 90 -10.48 -4.87 -1.19
CA THR A 90 -9.99 -6.13 -1.71
C THR A 90 -9.77 -6.03 -3.21
N ASP A 91 -10.75 -5.50 -3.92
CA ASP A 91 -10.67 -5.34 -5.36
C ASP A 91 -9.58 -4.33 -5.71
N LEU A 92 -9.39 -3.35 -4.84
CA LEU A 92 -8.37 -2.33 -5.02
C LEU A 92 -6.99 -2.98 -5.03
N VAL A 93 -6.69 -3.74 -3.99
CA VAL A 93 -5.37 -4.33 -3.82
C VAL A 93 -5.14 -5.43 -4.85
N GLU A 94 -6.16 -6.23 -5.10
CA GLU A 94 -6.09 -7.30 -6.09
C GLU A 94 -5.86 -6.75 -7.50
N HIS A 95 -6.43 -5.59 -7.78
CA HIS A 95 -6.26 -4.96 -9.08
C HIS A 95 -4.80 -4.60 -9.33
N TYR A 96 -4.19 -3.93 -8.37
CA TYR A 96 -2.81 -3.48 -8.52
C TYR A 96 -1.83 -4.61 -8.21
N LYS A 97 -2.36 -5.71 -7.69
CA LYS A 97 -1.56 -6.91 -7.47
C LYS A 97 -1.28 -7.58 -8.80
N LYS A 98 -2.08 -7.25 -9.79
CA LYS A 98 -1.90 -7.73 -11.15
C LYS A 98 -1.36 -6.59 -12.02
N ASN A 99 -1.83 -5.38 -11.76
CA ASN A 99 -1.41 -4.20 -12.50
C ASN A 99 -0.60 -3.26 -11.62
N PRO A 100 0.73 -3.38 -11.64
CA PRO A 100 1.63 -2.51 -10.86
C PRO A 100 1.45 -1.03 -11.21
N MET A 101 1.29 -0.20 -10.19
CA MET A 101 1.12 1.24 -10.39
C MET A 101 2.48 1.95 -10.30
N VAL A 102 2.78 2.81 -11.29
CA VAL A 102 4.10 3.45 -11.37
C VAL A 102 4.08 4.87 -10.79
N GLU A 103 5.10 5.15 -9.98
CA GLU A 103 5.36 6.49 -9.49
C GLU A 103 6.12 7.30 -10.52
N THR A 104 6.04 8.62 -10.38
CA THR A 104 6.75 9.52 -11.28
C THR A 104 8.24 9.52 -10.97
N LEU A 105 8.60 8.91 -9.85
CA LEU A 105 9.99 8.77 -9.44
C LEU A 105 10.58 7.49 -10.03
N GLY A 106 9.75 6.72 -10.73
CA GLY A 106 10.18 5.46 -11.29
C GLY A 106 9.84 4.29 -10.39
N THR A 107 9.49 4.60 -9.15
CA THR A 107 9.06 3.58 -8.21
C THR A 107 7.72 3.00 -8.66
N VAL A 108 7.71 1.76 -9.09
CA VAL A 108 6.45 1.14 -9.44
C VAL A 108 6.12 0.03 -8.47
N LEU A 109 4.99 0.20 -7.82
CA LEU A 109 4.61 -0.64 -6.71
C LEU A 109 4.13 -1.99 -7.21
N GLN A 110 4.99 -2.99 -7.07
CA GLN A 110 4.66 -4.33 -7.49
C GLN A 110 4.03 -5.08 -6.33
N LEU A 111 2.70 -4.98 -6.24
CA LEU A 111 1.93 -5.66 -5.20
C LEU A 111 1.91 -7.16 -5.48
N LYS A 112 2.54 -7.94 -4.61
CA LYS A 112 2.63 -9.38 -4.80
C LYS A 112 1.90 -10.15 -3.71
N GLN A 113 2.25 -9.91 -2.45
CA GLN A 113 1.66 -10.63 -1.34
C GLN A 113 1.32 -9.69 -0.19
N PRO A 114 0.17 -9.91 0.46
CA PRO A 114 -0.28 -9.06 1.56
C PRO A 114 0.51 -9.30 2.85
N LEU A 115 0.69 -8.22 3.62
CA LEU A 115 1.33 -8.33 4.92
C LEU A 115 0.27 -8.66 5.96
N ASN A 116 0.26 -9.90 6.41
CA ASN A 116 -0.71 -10.35 7.41
C ASN A 116 -0.57 -9.54 8.70
N THR A 117 -1.71 -9.19 9.27
CA THR A 117 -1.74 -8.41 10.51
C THR A 117 -1.09 -9.17 11.66
N THR A 118 0.02 -8.64 12.14
CA THR A 118 0.71 -9.21 13.28
C THR A 118 0.17 -8.61 14.57
N ARG A 119 -0.61 -9.40 15.30
CA ARG A 119 -1.28 -8.91 16.49
C ARG A 119 -0.93 -9.76 17.69
N GLU B 1 14.08 8.34 2.48
CA GLU B 1 13.10 8.58 1.40
C GLU B 1 11.85 7.73 1.60
N GLN B 2 11.47 7.53 2.84
CA GLN B 2 10.33 6.67 3.15
C GLN B 2 9.07 7.51 3.31
N THR B 3 7.95 6.97 2.80
CA THR B 3 6.67 7.65 2.88
C THR B 3 6.66 8.88 1.97
N GLU B 4 5.94 9.94 2.37
CA GLU B 4 5.67 11.11 1.52
C GLU B 4 4.61 10.77 0.47
N ALA B 6 3.18 7.83 -2.52
CA ALA B 6 3.30 7.68 -3.95
C ALA B 6 2.15 8.38 -4.66
N THR B 7 2.51 9.27 -5.57
CA THR B 7 1.55 10.04 -6.35
C THR B 7 0.86 9.16 -7.38
N ILE B 8 1.63 8.30 -8.03
CA ILE B 8 1.10 7.32 -8.97
C ILE B 8 0.69 7.99 -10.28
N VAL B 9 1.55 7.90 -11.28
CA VAL B 9 1.29 8.49 -12.57
C VAL B 9 1.06 7.41 -13.62
N PHE B 10 -0.19 7.07 -13.85
CA PHE B 10 -0.54 6.17 -14.95
C PHE B 10 -0.45 6.93 -16.25
N PRO B 11 0.46 6.52 -17.14
CA PRO B 11 0.62 7.16 -18.46
C PRO B 11 -0.65 7.07 -19.30
N GLY A 1 -21.81 -8.55 10.28
CA GLY A 1 -21.55 -7.15 10.70
C GLY A 1 -22.44 -6.16 10.00
N PRO A 2 -23.01 -5.18 10.72
CA PRO A 2 -23.90 -4.16 10.14
C PRO A 2 -23.15 -3.23 9.19
N MET A 3 -21.87 -2.99 9.47
CA MET A 3 -21.08 -2.08 8.66
C MET A 3 -20.43 -2.81 7.50
N ALA A 4 -20.15 -4.10 7.70
CA ALA A 4 -19.58 -4.95 6.66
C ALA A 4 -18.33 -4.31 6.07
N ASP A 5 -17.30 -4.24 6.90
CA ASP A 5 -16.03 -3.63 6.52
C ASP A 5 -15.41 -4.31 5.31
N PRO A 6 -15.09 -3.55 4.25
CA PRO A 6 -14.35 -4.06 3.10
C PRO A 6 -12.88 -4.20 3.43
N THR A 7 -12.54 -3.70 4.61
CA THR A 7 -11.19 -3.70 5.11
C THR A 7 -10.97 -4.88 6.06
N SER A 8 -11.95 -5.76 6.14
CA SER A 8 -11.88 -6.91 7.04
C SER A 8 -10.93 -7.98 6.52
N GLU A 9 -9.86 -7.55 5.86
CA GLU A 9 -8.86 -8.45 5.31
C GLU A 9 -7.53 -8.22 6.02
N ARG A 10 -6.66 -9.21 6.00
CA ARG A 10 -5.48 -9.22 6.86
C ARG A 10 -4.38 -8.27 6.36
N TRP A 11 -4.51 -7.78 5.14
CA TRP A 11 -3.54 -6.81 4.63
C TRP A 11 -3.91 -5.39 5.05
N PHE A 12 -5.14 -5.23 5.52
CA PHE A 12 -5.57 -3.97 6.12
C PHE A 12 -5.03 -3.85 7.54
N HIS A 13 -4.25 -2.82 7.78
CA HIS A 13 -3.75 -2.52 9.10
C HIS A 13 -4.21 -1.12 9.48
N GLY A 14 -5.17 -1.04 10.38
CA GLY A 14 -5.80 0.23 10.68
C GLY A 14 -4.93 1.16 11.50
N HIS A 15 -4.31 0.64 12.54
CA HIS A 15 -3.55 1.48 13.46
C HIS A 15 -2.07 1.43 13.15
N LEU A 16 -1.65 2.26 12.19
CA LEU A 16 -0.25 2.36 11.81
C LEU A 16 0.07 3.77 11.35
N SER A 17 1.21 4.28 11.76
CA SER A 17 1.74 5.52 11.21
C SER A 17 2.63 5.20 10.02
N GLY A 18 3.08 6.22 9.31
CA GLY A 18 3.93 6.02 8.16
C GLY A 18 5.12 5.13 8.44
N LYS A 19 5.84 5.43 9.53
CA LYS A 19 7.05 4.70 9.88
C LYS A 19 6.74 3.34 10.49
N GLU A 20 5.63 3.22 11.22
CA GLU A 20 5.24 1.92 11.77
C GLU A 20 4.93 0.95 10.64
N ALA A 21 4.15 1.42 9.66
CA ALA A 21 3.82 0.62 8.50
C ALA A 21 5.05 0.35 7.65
N GLU A 22 5.95 1.34 7.64
CA GLU A 22 7.22 1.22 6.93
C GLU A 22 8.02 0.08 7.56
N LYS A 23 8.15 0.12 8.88
CA LYS A 23 8.82 -0.92 9.65
C LYS A 23 8.15 -2.28 9.45
N LEU A 24 6.83 -2.27 9.29
CA LEU A 24 6.05 -3.50 9.13
C LEU A 24 6.57 -4.31 7.95
N LEU A 25 6.68 -3.66 6.81
CA LEU A 25 7.12 -4.32 5.58
C LEU A 25 8.62 -4.55 5.57
N THR A 26 9.38 -3.53 5.92
CA THR A 26 10.84 -3.56 5.80
C THR A 26 11.43 -4.68 6.67
N GLU A 27 10.80 -4.97 7.80
CA GLU A 27 11.28 -6.05 8.67
C GLU A 27 10.51 -7.36 8.45
N LYS A 28 9.18 -7.31 8.54
CA LYS A 28 8.38 -8.53 8.54
C LYS A 28 7.89 -8.93 7.15
N GLY A 29 7.86 -7.99 6.22
CA GLY A 29 7.42 -8.28 4.88
C GLY A 29 8.57 -8.74 4.00
N LYS A 30 8.36 -8.67 2.70
CA LYS A 30 9.42 -8.96 1.73
C LYS A 30 9.13 -8.21 0.43
N HIS A 31 10.04 -8.30 -0.53
CA HIS A 31 9.87 -7.64 -1.82
C HIS A 31 8.51 -7.98 -2.43
N GLY A 32 7.67 -6.96 -2.60
CA GLY A 32 6.38 -7.17 -3.22
C GLY A 32 5.25 -7.24 -2.20
N SER A 33 5.59 -7.19 -0.92
CA SER A 33 4.58 -7.22 0.12
C SER A 33 3.88 -5.87 0.22
N PHE A 34 2.57 -5.90 0.42
CA PHE A 34 1.77 -4.70 0.52
C PHE A 34 0.75 -4.81 1.65
N LEU A 35 0.40 -3.67 2.21
CA LEU A 35 -0.63 -3.60 3.23
C LEU A 35 -1.29 -2.22 3.18
N VAL A 36 -2.60 -2.16 3.30
CA VAL A 36 -3.27 -0.88 3.33
C VAL A 36 -3.54 -0.48 4.77
N ARG A 37 -3.32 0.77 5.06
CA ARG A 37 -3.42 1.28 6.41
C ARG A 37 -4.13 2.62 6.41
N GLU A 38 -4.62 3.03 7.57
CA GLU A 38 -5.28 4.31 7.69
C GLU A 38 -4.25 5.44 7.72
N SER A 39 -4.51 6.48 6.94
CA SER A 39 -3.57 7.59 6.79
C SER A 39 -3.68 8.56 7.96
N GLN A 40 -2.54 9.12 8.36
CA GLN A 40 -2.52 10.14 9.38
C GLN A 40 -2.35 11.51 8.72
N SER A 41 -1.82 11.52 7.51
CA SER A 41 -1.80 12.73 6.69
C SER A 41 -3.21 13.06 6.24
N HIS A 42 -3.94 12.01 5.88
CA HIS A 42 -5.33 12.13 5.50
C HIS A 42 -6.19 11.25 6.40
N PRO A 43 -6.56 11.77 7.59
CA PRO A 43 -7.37 11.02 8.55
C PRO A 43 -8.69 10.57 7.93
N GLY A 44 -8.92 9.26 7.98
CA GLY A 44 -10.11 8.71 7.37
C GLY A 44 -9.79 7.95 6.10
N ASP A 45 -8.77 8.41 5.38
CA ASP A 45 -8.37 7.79 4.14
C ASP A 45 -7.37 6.68 4.40
N PHE A 46 -7.07 5.90 3.37
CA PHE A 46 -6.20 4.74 3.51
C PHE A 46 -5.00 4.88 2.58
N VAL A 47 -3.90 4.23 2.94
CA VAL A 47 -2.71 4.23 2.10
C VAL A 47 -2.21 2.82 1.90
N LEU A 48 -1.80 2.53 0.68
CA LEU A 48 -1.25 1.23 0.33
C LEU A 48 0.25 1.27 0.49
N SER A 49 0.78 0.59 1.47
CA SER A 49 2.21 0.60 1.67
C SER A 49 2.82 -0.68 1.13
N VAL A 50 3.87 -0.54 0.36
CA VAL A 50 4.47 -1.67 -0.33
C VAL A 50 5.99 -1.68 -0.14
N ARG A 51 6.57 -2.87 -0.15
CA ARG A 51 8.00 -3.00 -0.04
C ARG A 51 8.62 -3.14 -1.44
N THR A 52 9.22 -2.07 -1.91
CA THR A 52 9.80 -2.02 -3.24
C THR A 52 11.33 -2.04 -3.18
N GLY A 53 11.94 -2.65 -4.18
CA GLY A 53 13.38 -2.75 -4.22
C GLY A 53 13.90 -3.93 -3.43
N ASP A 54 15.21 -4.08 -3.38
CA ASP A 54 15.84 -5.17 -2.65
C ASP A 54 16.26 -4.71 -1.27
N ASP A 55 16.78 -5.63 -0.46
CA ASP A 55 17.19 -5.32 0.90
C ASP A 55 18.64 -5.74 1.14
N LYS A 56 19.25 -6.35 0.13
CA LYS A 56 20.58 -6.93 0.31
C LYS A 56 21.67 -6.00 -0.23
N GLY A 57 21.73 -4.81 0.33
CA GLY A 57 22.77 -3.86 -0.03
C GLY A 57 22.47 -3.15 -1.34
N GLU A 58 22.60 -3.87 -2.45
CA GLU A 58 22.36 -3.30 -3.76
C GLU A 58 20.88 -3.20 -4.03
N SER A 59 20.38 -1.97 -4.07
CA SER A 59 18.97 -1.69 -4.24
C SER A 59 18.77 -0.22 -4.52
N ASN A 60 19.28 0.61 -3.61
CA ASN A 60 19.19 2.05 -3.70
C ASN A 60 20.10 2.71 -2.68
N ASP A 61 19.81 2.51 -1.42
CA ASP A 61 20.63 3.05 -0.34
C ASP A 61 21.08 1.94 0.61
N GLY A 62 20.50 0.77 0.47
CA GLY A 62 20.89 -0.35 1.30
C GLY A 62 19.77 -1.34 1.51
N LYS A 63 18.86 -1.02 2.40
CA LYS A 63 17.73 -1.91 2.69
C LYS A 63 16.58 -1.64 1.74
N SER A 64 15.46 -2.33 1.95
CA SER A 64 14.29 -2.14 1.11
C SER A 64 13.69 -0.76 1.32
N LYS A 65 12.99 -0.29 0.30
CA LYS A 65 12.30 0.98 0.39
C LYS A 65 10.80 0.71 0.39
N VAL A 66 10.10 1.23 1.38
CA VAL A 66 8.66 1.05 1.43
C VAL A 66 7.96 2.30 0.92
N THR A 67 7.31 2.16 -0.21
CA THR A 67 6.53 3.21 -0.78
C THR A 67 5.10 3.09 -0.30
N HIS A 68 4.47 4.21 -0.02
CA HIS A 68 3.11 4.22 0.45
C HIS A 68 2.26 4.98 -0.53
N VAL A 69 1.26 4.33 -1.11
CA VAL A 69 0.43 4.96 -2.12
C VAL A 69 -0.85 5.45 -1.44
N MET A 70 -1.32 6.62 -1.80
CA MET A 70 -2.45 7.20 -1.13
C MET A 70 -3.76 6.79 -1.81
N ILE A 71 -4.60 6.10 -1.07
CA ILE A 71 -5.88 5.61 -1.60
C ILE A 71 -6.98 6.63 -1.29
N ARG A 72 -7.71 7.01 -2.31
CA ARG A 72 -8.82 7.94 -2.12
C ARG A 72 -10.08 7.16 -1.79
N CYS A 73 -10.56 7.32 -0.57
CA CYS A 73 -11.79 6.69 -0.16
C CYS A 73 -12.94 7.69 -0.30
N GLN A 74 -13.59 7.66 -1.45
CA GLN A 74 -14.64 8.61 -1.76
C GLN A 74 -15.97 7.90 -1.87
N GLU A 75 -16.87 8.22 -0.93
CA GLU A 75 -18.20 7.62 -0.87
C GLU A 75 -18.10 6.10 -0.74
N LEU A 76 -17.15 5.65 0.10
CA LEU A 76 -16.92 4.24 0.35
C LEU A 76 -16.39 3.51 -0.89
N LYS A 77 -15.86 4.27 -1.84
CA LYS A 77 -15.17 3.69 -2.99
C LYS A 77 -13.68 3.97 -2.89
N TYR A 78 -12.88 2.98 -3.23
CA TYR A 78 -11.44 3.08 -3.08
C TYR A 78 -10.76 3.17 -4.45
N ASP A 79 -9.76 4.04 -4.54
CA ASP A 79 -8.98 4.20 -5.76
C ASP A 79 -7.60 4.76 -5.43
N VAL A 80 -6.58 4.27 -6.12
CA VAL A 80 -5.22 4.79 -5.95
C VAL A 80 -4.95 5.86 -7.00
N GLY A 81 -5.83 5.94 -7.98
CA GLY A 81 -5.70 6.92 -9.03
C GLY A 81 -5.65 6.29 -10.39
N GLY A 82 -5.91 5.00 -10.46
CA GLY A 82 -5.82 4.29 -11.72
C GLY A 82 -6.96 3.31 -11.96
N GLY A 83 -7.42 3.26 -13.18
CA GLY A 83 -8.40 2.27 -13.57
C GLY A 83 -9.80 2.59 -13.08
N GLU A 84 -10.35 1.70 -12.28
CA GLU A 84 -11.73 1.79 -11.84
C GLU A 84 -11.80 1.99 -10.34
N ARG A 85 -12.92 2.51 -9.87
CA ARG A 85 -13.14 2.71 -8.44
C ARG A 85 -13.92 1.52 -7.89
N PHE A 86 -13.40 0.93 -6.82
CA PHE A 86 -13.99 -0.29 -6.29
C PHE A 86 -14.66 -0.03 -4.96
N ASP A 87 -15.77 -0.74 -4.72
CA ASP A 87 -16.54 -0.57 -3.50
C ASP A 87 -15.90 -1.33 -2.35
N SER A 88 -14.90 -2.13 -2.67
CA SER A 88 -14.16 -2.88 -1.68
C SER A 88 -12.67 -2.67 -1.89
N LEU A 89 -11.93 -2.59 -0.79
CA LEU A 89 -10.49 -2.40 -0.86
C LEU A 89 -9.81 -3.64 -1.40
N THR A 90 -10.49 -4.78 -1.28
CA THR A 90 -9.98 -6.03 -1.81
C THR A 90 -9.77 -5.93 -3.33
N ASP A 91 -10.80 -5.46 -4.03
CA ASP A 91 -10.69 -5.29 -5.48
C ASP A 91 -9.68 -4.21 -5.81
N LEU A 92 -9.55 -3.23 -4.93
CA LEU A 92 -8.59 -2.16 -5.12
C LEU A 92 -7.17 -2.73 -5.13
N VAL A 93 -6.83 -3.46 -4.08
CA VAL A 93 -5.49 -3.99 -3.92
C VAL A 93 -5.20 -5.07 -4.96
N GLU A 94 -6.19 -5.91 -5.24
CA GLU A 94 -6.02 -6.97 -6.23
C GLU A 94 -5.87 -6.40 -7.63
N HIS A 95 -6.56 -5.30 -7.92
CA HIS A 95 -6.44 -4.65 -9.22
C HIS A 95 -5.00 -4.23 -9.47
N TYR A 96 -4.38 -3.66 -8.44
CA TYR A 96 -3.00 -3.21 -8.56
C TYR A 96 -2.03 -4.36 -8.29
N LYS A 97 -2.57 -5.45 -7.76
CA LYS A 97 -1.81 -6.67 -7.58
C LYS A 97 -1.59 -7.34 -8.94
N LYS A 98 -2.51 -7.09 -9.85
CA LYS A 98 -2.39 -7.56 -11.22
C LYS A 98 -1.67 -6.52 -12.08
N ASN A 99 -1.92 -5.25 -11.80
CA ASN A 99 -1.34 -4.16 -12.57
C ASN A 99 -0.42 -3.31 -11.68
N PRO A 100 0.90 -3.50 -11.81
CA PRO A 100 1.88 -2.72 -11.03
C PRO A 100 1.73 -1.22 -11.27
N MET A 101 1.59 -0.48 -10.18
CA MET A 101 1.40 0.96 -10.26
C MET A 101 2.75 1.70 -10.27
N VAL A 102 3.01 2.46 -11.32
CA VAL A 102 4.30 3.13 -11.47
C VAL A 102 4.24 4.59 -11.01
N GLU A 103 5.25 5.03 -10.27
CA GLU A 103 5.45 6.44 -9.97
C GLU A 103 6.21 7.12 -11.08
N THR A 104 6.22 8.44 -11.07
CA THR A 104 6.96 9.20 -12.06
C THR A 104 8.46 9.14 -11.75
N LEU A 105 8.77 8.71 -10.53
CA LEU A 105 10.16 8.58 -10.08
C LEU A 105 10.76 7.29 -10.59
N GLY A 106 9.91 6.45 -11.18
CA GLY A 106 10.36 5.15 -11.65
C GLY A 106 9.99 4.04 -10.70
N THR A 107 9.76 4.41 -9.44
CA THR A 107 9.30 3.46 -8.45
C THR A 107 7.94 2.90 -8.85
N VAL A 108 7.90 1.64 -9.20
CA VAL A 108 6.64 0.99 -9.47
C VAL A 108 6.33 -0.04 -8.41
N LEU A 109 5.20 0.15 -7.76
CA LEU A 109 4.81 -0.68 -6.65
C LEU A 109 4.28 -2.01 -7.16
N GLN A 110 5.07 -3.05 -6.96
CA GLN A 110 4.72 -4.38 -7.41
C GLN A 110 4.02 -5.14 -6.29
N LEU A 111 2.71 -5.02 -6.26
CA LEU A 111 1.88 -5.63 -5.23
C LEU A 111 1.77 -7.14 -5.46
N LYS A 112 2.51 -7.91 -4.67
CA LYS A 112 2.50 -9.37 -4.81
C LYS A 112 1.94 -10.07 -3.58
N GLN A 113 2.51 -9.79 -2.41
CA GLN A 113 2.13 -10.50 -1.19
C GLN A 113 1.48 -9.56 -0.18
N PRO A 114 0.35 -9.97 0.40
CA PRO A 114 -0.29 -9.20 1.47
C PRO A 114 0.40 -9.39 2.82
N LEU A 115 0.67 -8.29 3.52
CA LEU A 115 1.30 -8.37 4.84
C LEU A 115 0.25 -8.74 5.88
N ASN A 116 0.26 -10.00 6.29
CA ASN A 116 -0.66 -10.49 7.30
C ASN A 116 -0.49 -9.72 8.59
N THR A 117 -1.61 -9.43 9.25
CA THR A 117 -1.62 -8.67 10.49
C THR A 117 -0.85 -9.40 11.59
N THR A 118 0.11 -8.71 12.17
CA THR A 118 0.92 -9.26 13.23
C THR A 118 0.74 -8.45 14.50
N ARG A 119 0.20 -9.09 15.53
CA ARG A 119 -0.01 -8.43 16.80
C ARG A 119 1.26 -8.46 17.64
N GLU B 1 14.21 9.02 0.74
CA GLU B 1 12.84 9.15 0.18
C GLU B 1 11.94 8.05 0.72
N GLN B 2 11.45 8.23 1.94
CA GLN B 2 10.61 7.24 2.60
C GLN B 2 9.22 7.83 2.84
N THR B 3 8.21 6.98 3.02
CA THR B 3 6.83 7.44 3.12
C THR B 3 6.49 8.30 1.89
N GLU B 4 6.30 9.62 2.07
CA GLU B 4 6.17 10.56 0.94
C GLU B 4 4.80 10.43 0.28
N ALA B 6 3.26 7.83 -2.62
CA ALA B 6 3.54 7.71 -4.06
C ALA B 6 2.56 8.49 -4.92
N THR B 7 3.10 9.07 -5.98
CA THR B 7 2.34 9.88 -6.93
C THR B 7 1.46 9.00 -7.83
N ILE B 8 2.06 7.94 -8.37
CA ILE B 8 1.37 6.99 -9.24
C ILE B 8 0.95 7.64 -10.56
N VAL B 9 1.67 7.31 -11.62
CA VAL B 9 1.35 7.76 -12.97
C VAL B 9 1.33 6.59 -13.93
N PHE B 10 0.19 5.94 -14.00
CA PHE B 10 -0.01 4.86 -14.97
C PHE B 10 0.22 5.37 -16.39
N PRO B 11 1.26 4.88 -17.07
CA PRO B 11 1.57 5.27 -18.44
C PRO B 11 0.49 4.83 -19.43
N GLY A 1 -19.56 -3.95 4.67
CA GLY A 1 -20.89 -3.76 5.30
C GLY A 1 -20.87 -2.63 6.32
N PRO A 2 -22.00 -2.38 7.00
CA PRO A 2 -22.10 -1.32 8.00
C PRO A 2 -21.23 -1.61 9.23
N MET A 3 -21.23 -2.86 9.67
CA MET A 3 -20.49 -3.24 10.87
C MET A 3 -19.05 -3.59 10.53
N ALA A 4 -18.88 -4.40 9.51
CA ALA A 4 -17.55 -4.83 9.10
C ALA A 4 -17.12 -4.11 7.83
N ASP A 5 -15.96 -3.48 7.88
CA ASP A 5 -15.40 -2.76 6.73
C ASP A 5 -15.11 -3.73 5.59
N PRO A 6 -15.20 -3.26 4.34
CA PRO A 6 -14.92 -4.07 3.17
C PRO A 6 -13.45 -4.29 3.00
N THR A 7 -12.69 -3.51 3.74
CA THR A 7 -11.26 -3.64 3.76
C THR A 7 -10.82 -4.39 5.01
N SER A 8 -11.78 -4.90 5.78
CA SER A 8 -11.47 -5.65 7.00
C SER A 8 -10.89 -7.02 6.64
N GLU A 9 -9.72 -6.97 6.04
CA GLU A 9 -9.02 -8.15 5.54
C GLU A 9 -7.58 -8.13 6.04
N ARG A 10 -6.89 -9.24 5.83
CA ARG A 10 -5.59 -9.50 6.47
C ARG A 10 -4.49 -8.53 6.03
N TRP A 11 -4.68 -7.82 4.93
CA TRP A 11 -3.67 -6.87 4.45
C TRP A 11 -3.95 -5.46 4.97
N PHE A 12 -5.13 -5.25 5.52
CA PHE A 12 -5.50 -3.98 6.11
C PHE A 12 -5.13 -3.95 7.58
N HIS A 13 -4.25 -3.03 7.93
CA HIS A 13 -3.84 -2.85 9.32
C HIS A 13 -4.42 -1.54 9.83
N GLY A 14 -5.25 -1.63 10.87
CA GLY A 14 -6.02 -0.50 11.34
C GLY A 14 -5.20 0.76 11.56
N HIS A 15 -4.61 0.89 12.73
CA HIS A 15 -3.85 2.09 13.05
C HIS A 15 -2.36 1.86 12.89
N LEU A 16 -1.80 2.43 11.85
CA LEU A 16 -0.37 2.40 11.62
C LEU A 16 0.16 3.79 11.36
N SER A 17 1.32 4.08 11.90
CA SER A 17 2.00 5.32 11.61
C SER A 17 2.90 5.12 10.40
N GLY A 18 3.48 6.19 9.87
CA GLY A 18 4.30 6.10 8.68
C GLY A 18 5.42 5.09 8.82
N LYS A 19 6.21 5.24 9.86
CA LYS A 19 7.35 4.36 10.10
C LYS A 19 6.90 3.01 10.65
N GLU A 20 5.76 2.97 11.32
CA GLU A 20 5.21 1.70 11.79
C GLU A 20 4.83 0.82 10.60
N ALA A 21 4.13 1.41 9.64
CA ALA A 21 3.75 0.70 8.43
C ALA A 21 4.97 0.31 7.62
N GLU A 22 5.97 1.17 7.66
CA GLU A 22 7.23 0.94 6.97
C GLU A 22 7.97 -0.22 7.63
N LYS A 23 8.09 -0.15 8.96
CA LYS A 23 8.72 -1.18 9.77
C LYS A 23 8.03 -2.53 9.56
N LEU A 24 6.72 -2.47 9.35
CA LEU A 24 5.91 -3.67 9.09
C LEU A 24 6.46 -4.42 7.88
N LEU A 25 6.60 -3.70 6.78
CA LEU A 25 7.06 -4.29 5.53
C LEU A 25 8.57 -4.56 5.52
N THR A 26 9.34 -3.54 5.85
CA THR A 26 10.80 -3.59 5.71
C THR A 26 11.41 -4.69 6.57
N GLU A 27 10.85 -4.94 7.75
CA GLU A 27 11.37 -5.99 8.62
C GLU A 27 10.58 -7.30 8.49
N LYS A 28 9.25 -7.22 8.52
CA LYS A 28 8.44 -8.43 8.62
C LYS A 28 8.06 -8.96 7.23
N GLY A 29 7.95 -8.09 6.26
CA GLY A 29 7.53 -8.49 4.93
C GLY A 29 8.69 -8.82 4.02
N LYS A 30 8.43 -8.78 2.72
CA LYS A 30 9.46 -9.06 1.71
C LYS A 30 9.17 -8.23 0.46
N HIS A 31 10.05 -8.30 -0.53
CA HIS A 31 9.85 -7.60 -1.79
C HIS A 31 8.47 -7.93 -2.37
N GLY A 32 7.68 -6.89 -2.62
CA GLY A 32 6.38 -7.10 -3.22
C GLY A 32 5.25 -7.19 -2.21
N SER A 33 5.59 -7.15 -0.93
CA SER A 33 4.58 -7.19 0.11
C SER A 33 3.84 -5.87 0.19
N PHE A 34 2.53 -5.93 0.37
CA PHE A 34 1.71 -4.74 0.43
C PHE A 34 0.70 -4.84 1.55
N LEU A 35 0.35 -3.70 2.12
CA LEU A 35 -0.67 -3.64 3.15
C LEU A 35 -1.35 -2.28 3.09
N VAL A 36 -2.65 -2.23 3.28
CA VAL A 36 -3.34 -0.97 3.32
C VAL A 36 -3.59 -0.60 4.77
N ARG A 37 -3.49 0.69 5.05
CA ARG A 37 -3.58 1.18 6.41
C ARG A 37 -4.26 2.53 6.42
N GLU A 38 -4.83 2.90 7.56
CA GLU A 38 -5.42 4.20 7.72
C GLU A 38 -4.33 5.27 7.75
N SER A 39 -4.52 6.33 6.98
CA SER A 39 -3.56 7.42 6.93
C SER A 39 -3.83 8.42 8.04
N GLN A 40 -2.77 8.97 8.60
CA GLN A 40 -2.90 9.97 9.64
C GLN A 40 -2.68 11.35 9.05
N SER A 41 -2.04 11.41 7.89
CA SER A 41 -1.92 12.65 7.14
C SER A 41 -3.22 12.93 6.40
N HIS A 42 -3.92 11.87 6.02
CA HIS A 42 -5.25 11.98 5.44
C HIS A 42 -6.26 11.22 6.28
N PRO A 43 -6.81 11.88 7.32
CA PRO A 43 -7.78 11.24 8.21
C PRO A 43 -9.04 10.80 7.47
N GLY A 44 -9.35 9.52 7.57
CA GLY A 44 -10.50 8.99 6.87
C GLY A 44 -10.11 8.25 5.61
N ASP A 45 -8.88 8.46 5.16
CA ASP A 45 -8.39 7.82 3.94
C ASP A 45 -7.43 6.69 4.27
N PHE A 46 -7.18 5.85 3.29
CA PHE A 46 -6.33 4.68 3.47
C PHE A 46 -5.15 4.77 2.53
N VAL A 47 -4.05 4.13 2.89
CA VAL A 47 -2.87 4.14 2.05
C VAL A 47 -2.32 2.74 1.85
N LEU A 48 -1.90 2.47 0.64
CA LEU A 48 -1.31 1.20 0.28
C LEU A 48 0.19 1.28 0.44
N SER A 49 0.73 0.59 1.42
CA SER A 49 2.17 0.64 1.61
C SER A 49 2.79 -0.64 1.08
N VAL A 50 3.83 -0.50 0.28
CA VAL A 50 4.42 -1.64 -0.40
C VAL A 50 5.94 -1.64 -0.24
N ARG A 51 6.53 -2.83 -0.19
CA ARG A 51 7.97 -2.95 -0.12
C ARG A 51 8.55 -3.04 -1.53
N THR A 52 9.14 -1.94 -1.96
CA THR A 52 9.72 -1.82 -3.28
C THR A 52 11.23 -1.94 -3.21
N GLY A 53 11.83 -2.50 -4.25
CA GLY A 53 13.26 -2.71 -4.24
C GLY A 53 13.64 -3.98 -3.50
N ASP A 54 14.91 -4.33 -3.55
CA ASP A 54 15.39 -5.55 -2.93
C ASP A 54 16.10 -5.24 -1.62
N ASP A 55 16.54 -6.30 -0.95
CA ASP A 55 17.24 -6.17 0.32
C ASP A 55 18.59 -6.87 0.22
N LYS A 56 18.99 -7.17 -0.99
CA LYS A 56 20.22 -7.90 -1.24
C LYS A 56 21.36 -6.96 -1.60
N GLY A 57 21.07 -6.00 -2.47
CA GLY A 57 22.09 -5.02 -2.83
C GLY A 57 22.03 -4.58 -4.28
N GLU A 58 20.90 -4.79 -4.94
CA GLU A 58 20.74 -4.30 -6.30
C GLU A 58 20.27 -2.85 -6.27
N SER A 59 19.15 -2.62 -5.60
CA SER A 59 18.63 -1.28 -5.42
C SER A 59 18.33 -1.07 -3.93
N ASN A 60 19.29 -1.46 -3.11
CA ASN A 60 19.12 -1.43 -1.66
C ASN A 60 20.14 -0.49 -1.03
N ASP A 61 19.67 0.64 -0.52
CA ASP A 61 20.54 1.60 0.14
C ASP A 61 20.59 1.34 1.63
N GLY A 62 21.17 0.19 1.99
CA GLY A 62 21.26 -0.20 3.38
C GLY A 62 20.00 -0.89 3.84
N LYS A 63 18.88 -0.26 3.57
CA LYS A 63 17.57 -0.81 3.91
C LYS A 63 16.66 -0.77 2.68
N SER A 64 15.60 -1.56 2.72
CA SER A 64 14.69 -1.66 1.58
C SER A 64 13.77 -0.45 1.53
N LYS A 65 13.12 -0.27 0.39
CA LYS A 65 12.22 0.84 0.19
C LYS A 65 10.77 0.44 0.46
N VAL A 66 10.05 1.33 1.11
CA VAL A 66 8.62 1.18 1.26
C VAL A 66 7.91 2.43 0.76
N THR A 67 7.18 2.27 -0.31
CA THR A 67 6.38 3.34 -0.84
C THR A 67 4.95 3.19 -0.38
N HIS A 68 4.35 4.31 -0.01
CA HIS A 68 2.98 4.31 0.46
C HIS A 68 2.11 5.04 -0.56
N VAL A 69 1.15 4.35 -1.15
CA VAL A 69 0.33 4.92 -2.19
C VAL A 69 -0.99 5.40 -1.60
N MET A 70 -1.42 6.58 -1.98
CA MET A 70 -2.59 7.18 -1.39
C MET A 70 -3.87 6.62 -2.02
N ILE A 71 -4.67 5.96 -1.20
CA ILE A 71 -5.93 5.44 -1.67
C ILE A 71 -7.04 6.40 -1.31
N ARG A 72 -7.57 7.08 -2.32
CA ARG A 72 -8.62 8.05 -2.11
C ARG A 72 -9.91 7.36 -1.71
N CYS A 73 -10.39 7.67 -0.51
CA CYS A 73 -11.66 7.13 -0.04
C CYS A 73 -12.77 8.12 -0.35
N GLN A 74 -13.42 7.90 -1.48
CA GLN A 74 -14.43 8.82 -1.98
C GLN A 74 -15.80 8.16 -1.96
N GLU A 75 -16.66 8.62 -1.05
CA GLU A 75 -18.00 8.06 -0.87
C GLU A 75 -17.93 6.55 -0.66
N LEU A 76 -16.93 6.13 0.11
CA LEU A 76 -16.72 4.72 0.46
C LEU A 76 -16.19 3.90 -0.72
N LYS A 77 -15.71 4.59 -1.75
CA LYS A 77 -15.01 3.92 -2.84
C LYS A 77 -13.52 4.21 -2.74
N TYR A 78 -12.72 3.22 -3.07
CA TYR A 78 -11.27 3.32 -2.95
C TYR A 78 -10.62 3.37 -4.32
N ASP A 79 -9.58 4.19 -4.47
CA ASP A 79 -8.86 4.31 -5.74
C ASP A 79 -7.44 4.81 -5.50
N VAL A 80 -6.47 4.23 -6.22
CA VAL A 80 -5.09 4.68 -6.17
C VAL A 80 -4.87 5.74 -7.26
N GLY A 81 -5.83 5.83 -8.17
CA GLY A 81 -5.77 6.80 -9.24
C GLY A 81 -5.87 6.18 -10.61
N GLY A 82 -6.11 4.87 -10.65
CA GLY A 82 -6.11 4.18 -11.93
C GLY A 82 -7.24 3.19 -12.09
N GLY A 83 -7.80 3.14 -13.28
CA GLY A 83 -8.81 2.14 -13.60
C GLY A 83 -10.18 2.50 -13.06
N GLU A 84 -10.67 1.67 -12.15
CA GLU A 84 -12.01 1.82 -11.61
C GLU A 84 -11.96 2.11 -10.12
N ARG A 85 -12.94 2.85 -9.63
CA ARG A 85 -13.08 3.04 -8.20
C ARG A 85 -13.77 1.81 -7.61
N PHE A 86 -13.17 1.22 -6.59
CA PHE A 86 -13.66 -0.04 -6.06
C PHE A 86 -14.36 0.16 -4.72
N ASP A 87 -15.47 -0.54 -4.56
CA ASP A 87 -16.30 -0.45 -3.35
C ASP A 87 -15.59 -1.07 -2.17
N SER A 88 -14.65 -1.95 -2.45
CA SER A 88 -13.89 -2.60 -1.42
C SER A 88 -12.41 -2.52 -1.76
N LEU A 89 -11.58 -2.38 -0.74
CA LEU A 89 -10.14 -2.36 -0.93
C LEU A 89 -9.64 -3.71 -1.43
N THR A 90 -10.42 -4.76 -1.21
CA THR A 90 -10.09 -6.08 -1.71
C THR A 90 -9.88 -6.04 -3.23
N ASP A 91 -10.82 -5.45 -3.94
CA ASP A 91 -10.69 -5.30 -5.39
C ASP A 91 -9.59 -4.31 -5.72
N LEU A 92 -9.44 -3.29 -4.89
CA LEU A 92 -8.41 -2.28 -5.06
C LEU A 92 -7.03 -2.93 -5.03
N VAL A 93 -6.77 -3.68 -3.97
CA VAL A 93 -5.45 -4.25 -3.76
C VAL A 93 -5.15 -5.36 -4.77
N GLU A 94 -6.14 -6.20 -5.05
CA GLU A 94 -5.99 -7.29 -6.01
C GLU A 94 -5.79 -6.76 -7.43
N HIS A 95 -6.48 -5.67 -7.75
CA HIS A 95 -6.38 -5.06 -9.09
C HIS A 95 -4.94 -4.61 -9.37
N TYR A 96 -4.33 -3.97 -8.39
CA TYR A 96 -2.97 -3.49 -8.55
C TYR A 96 -1.96 -4.59 -8.22
N LYS A 97 -2.46 -5.68 -7.65
CA LYS A 97 -1.63 -6.86 -7.39
C LYS A 97 -1.28 -7.52 -8.70
N LYS A 98 -2.20 -7.46 -9.64
CA LYS A 98 -1.99 -7.98 -10.97
C LYS A 98 -1.36 -6.91 -11.87
N ASN A 99 -1.60 -5.65 -11.52
CA ASN A 99 -1.16 -4.54 -12.33
C ASN A 99 -0.39 -3.52 -11.49
N PRO A 100 0.95 -3.68 -11.42
CA PRO A 100 1.82 -2.76 -10.66
C PRO A 100 1.66 -1.30 -11.10
N MET A 101 1.43 -0.42 -10.13
CA MET A 101 1.25 0.99 -10.42
C MET A 101 2.58 1.73 -10.33
N VAL A 102 2.96 2.41 -11.41
CA VAL A 102 4.24 3.10 -11.48
C VAL A 102 4.13 4.57 -11.07
N GLU A 103 5.08 5.01 -10.24
CA GLU A 103 5.26 6.42 -9.92
C GLU A 103 6.00 7.13 -11.05
N THR A 104 5.93 8.45 -11.05
CA THR A 104 6.63 9.25 -12.04
C THR A 104 8.12 9.32 -11.71
N LEU A 105 8.48 8.85 -10.52
CA LEU A 105 9.87 8.82 -10.09
C LEU A 105 10.51 7.48 -10.45
N GLY A 106 9.77 6.65 -11.15
CA GLY A 106 10.28 5.35 -11.56
C GLY A 106 9.97 4.26 -10.55
N THR A 107 9.56 4.66 -9.36
CA THR A 107 9.16 3.70 -8.33
C THR A 107 7.84 3.08 -8.71
N VAL A 108 7.84 1.80 -9.03
CA VAL A 108 6.62 1.12 -9.33
C VAL A 108 6.30 0.09 -8.27
N LEU A 109 5.09 0.19 -7.77
CA LEU A 109 4.65 -0.60 -6.64
C LEU A 109 4.17 -1.96 -7.12
N GLN A 110 5.01 -2.96 -6.93
CA GLN A 110 4.69 -4.31 -7.35
C GLN A 110 4.00 -5.06 -6.22
N LEU A 111 2.68 -4.94 -6.18
CA LEU A 111 1.88 -5.64 -5.19
C LEU A 111 1.85 -7.12 -5.51
N LYS A 112 2.53 -7.92 -4.70
CA LYS A 112 2.60 -9.36 -4.96
C LYS A 112 1.92 -10.16 -3.86
N GLN A 113 2.33 -9.96 -2.62
CA GLN A 113 1.73 -10.69 -1.51
C GLN A 113 1.37 -9.76 -0.37
N PRO A 114 0.18 -9.94 0.22
CA PRO A 114 -0.32 -9.08 1.29
C PRO A 114 0.39 -9.32 2.62
N LEU A 115 0.71 -8.24 3.31
CA LEU A 115 1.31 -8.32 4.63
C LEU A 115 0.22 -8.68 5.64
N ASN A 116 0.14 -9.95 5.99
CA ASN A 116 -0.89 -10.42 6.92
C ASN A 116 -0.72 -9.78 8.29
N THR A 117 -1.83 -9.41 8.89
CA THR A 117 -1.82 -8.81 10.21
C THR A 117 -1.25 -9.76 11.26
N THR A 118 -0.08 -9.43 11.76
CA THR A 118 0.54 -10.22 12.80
C THR A 118 0.06 -9.74 14.17
N ARG A 119 -0.82 -10.54 14.77
CA ARG A 119 -1.45 -10.17 16.02
C ARG A 119 -1.52 -11.37 16.95
N GLU B 1 13.04 8.19 2.28
CA GLU B 1 12.90 7.09 3.26
C GLU B 1 11.79 7.37 4.26
N GLN B 2 10.61 7.67 3.74
CA GLN B 2 9.45 7.98 4.57
C GLN B 2 8.20 7.44 3.88
N THR B 3 7.03 7.96 4.28
CA THR B 3 5.79 7.69 3.58
C THR B 3 5.94 7.97 2.10
N GLU B 4 6.07 9.25 1.79
CA GLU B 4 6.38 9.68 0.43
C GLU B 4 5.26 9.19 -0.47
N ALA B 6 2.99 7.90 -2.76
CA ALA B 6 3.18 7.76 -4.20
C ALA B 6 2.06 8.43 -4.98
N THR B 7 2.47 9.19 -5.98
CA THR B 7 1.55 9.93 -6.85
C THR B 7 0.87 9.00 -7.84
N ILE B 8 1.65 8.07 -8.40
CA ILE B 8 1.16 7.10 -9.37
C ILE B 8 0.77 7.79 -10.69
N VAL B 9 1.42 7.38 -11.79
CA VAL B 9 1.13 7.99 -13.10
C VAL B 9 0.64 6.98 -14.13
N PHE B 10 0.87 5.71 -13.87
CA PHE B 10 0.53 4.65 -14.82
C PHE B 10 1.03 4.96 -16.23
N PRO B 11 2.35 4.92 -16.46
CA PRO B 11 2.94 5.16 -17.77
C PRO B 11 2.82 3.94 -18.67
N GLY A 1 -22.72 -2.14 4.94
CA GLY A 1 -22.89 -0.71 5.26
C GLY A 1 -21.59 -0.05 5.68
N PRO A 2 -21.61 1.23 6.06
CA PRO A 2 -20.41 1.98 6.46
C PRO A 2 -19.71 1.40 7.69
N MET A 3 -20.47 0.69 8.52
CA MET A 3 -19.90 0.06 9.72
C MET A 3 -19.59 -1.41 9.47
N ALA A 4 -19.44 -1.76 8.20
CA ALA A 4 -19.04 -3.11 7.82
C ALA A 4 -17.72 -3.05 7.07
N ASP A 5 -16.63 -3.31 7.78
CA ASP A 5 -15.29 -3.14 7.22
C ASP A 5 -15.03 -4.13 6.09
N PRO A 6 -14.78 -3.61 4.88
CA PRO A 6 -14.29 -4.41 3.75
C PRO A 6 -12.81 -4.66 3.94
N THR A 7 -12.26 -3.97 4.92
CA THR A 7 -10.87 -4.02 5.26
C THR A 7 -10.61 -5.14 6.27
N SER A 8 -11.65 -5.95 6.53
CA SER A 8 -11.54 -7.09 7.44
C SER A 8 -10.70 -8.21 6.84
N GLU A 9 -9.56 -7.84 6.30
CA GLU A 9 -8.67 -8.76 5.60
C GLU A 9 -7.30 -8.75 6.26
N ARG A 10 -6.35 -9.49 5.70
CA ARG A 10 -5.03 -9.61 6.31
C ARG A 10 -4.09 -8.48 5.88
N TRP A 11 -4.38 -7.87 4.73
CA TRP A 11 -3.50 -6.82 4.20
C TRP A 11 -3.84 -5.45 4.80
N PHE A 12 -5.03 -5.30 5.32
CA PHE A 12 -5.39 -4.08 6.02
C PHE A 12 -4.85 -4.11 7.44
N HIS A 13 -4.13 -3.07 7.80
CA HIS A 13 -3.62 -2.91 9.15
C HIS A 13 -4.21 -1.65 9.76
N GLY A 14 -5.05 -1.83 10.78
CA GLY A 14 -5.85 -0.74 11.31
C GLY A 14 -5.06 0.51 11.65
N HIS A 15 -4.44 0.53 12.81
CA HIS A 15 -3.76 1.72 13.30
C HIS A 15 -2.26 1.65 13.06
N LEU A 16 -1.83 2.14 11.92
CA LEU A 16 -0.41 2.25 11.62
C LEU A 16 -0.07 3.67 11.22
N SER A 17 0.97 4.21 11.82
CA SER A 17 1.51 5.49 11.40
C SER A 17 2.43 5.28 10.22
N GLY A 18 2.87 6.36 9.58
CA GLY A 18 3.75 6.24 8.43
C GLY A 18 5.00 5.42 8.74
N LYS A 19 5.62 5.74 9.87
CA LYS A 19 6.84 5.07 10.31
C LYS A 19 6.56 3.59 10.62
N GLU A 20 5.46 3.35 11.33
CA GLU A 20 5.09 2.00 11.75
C GLU A 20 4.84 1.10 10.56
N ALA A 21 4.08 1.60 9.60
CA ALA A 21 3.74 0.84 8.40
C ALA A 21 4.99 0.46 7.63
N GLU A 22 5.97 1.36 7.66
CA GLU A 22 7.24 1.12 7.00
C GLU A 22 8.00 0.02 7.74
N LYS A 23 8.05 0.15 9.05
CA LYS A 23 8.66 -0.85 9.92
C LYS A 23 8.02 -2.23 9.70
N LEU A 24 6.71 -2.21 9.46
CA LEU A 24 5.95 -3.44 9.24
C LEU A 24 6.53 -4.22 8.07
N LEU A 25 6.68 -3.55 6.94
CA LEU A 25 7.16 -4.19 5.72
C LEU A 25 8.66 -4.44 5.75
N THR A 26 9.42 -3.42 6.11
CA THR A 26 10.88 -3.48 6.05
C THR A 26 11.44 -4.58 6.95
N GLU A 27 10.73 -4.86 8.05
CA GLU A 27 11.14 -5.92 8.96
C GLU A 27 10.43 -7.24 8.66
N LYS A 28 9.11 -7.19 8.58
CA LYS A 28 8.30 -8.40 8.64
C LYS A 28 7.72 -8.81 7.29
N GLY A 29 8.00 -8.04 6.26
CA GLY A 29 7.50 -8.38 4.93
C GLY A 29 8.57 -8.93 4.04
N LYS A 30 8.32 -8.91 2.73
CA LYS A 30 9.30 -9.29 1.74
C LYS A 30 9.06 -8.50 0.46
N HIS A 31 9.94 -8.63 -0.52
CA HIS A 31 9.79 -7.92 -1.79
C HIS A 31 8.42 -8.20 -2.40
N GLY A 32 7.63 -7.14 -2.55
CA GLY A 32 6.32 -7.27 -3.17
C GLY A 32 5.20 -7.32 -2.16
N SER A 33 5.53 -7.31 -0.88
CA SER A 33 4.51 -7.32 0.15
C SER A 33 3.81 -5.96 0.23
N PHE A 34 2.50 -5.99 0.43
CA PHE A 34 1.72 -4.77 0.51
C PHE A 34 0.71 -4.85 1.64
N LEU A 35 0.39 -3.70 2.21
CA LEU A 35 -0.62 -3.61 3.25
C LEU A 35 -1.29 -2.24 3.19
N VAL A 36 -2.59 -2.19 3.34
CA VAL A 36 -3.28 -0.93 3.37
C VAL A 36 -3.58 -0.53 4.80
N ARG A 37 -3.42 0.74 5.08
CA ARG A 37 -3.56 1.27 6.43
C ARG A 37 -4.25 2.60 6.39
N GLU A 38 -4.79 3.05 7.51
CA GLU A 38 -5.44 4.34 7.57
C GLU A 38 -4.40 5.46 7.51
N SER A 39 -4.67 6.45 6.66
CA SER A 39 -3.75 7.56 6.48
C SER A 39 -3.88 8.55 7.63
N GLN A 40 -2.76 9.13 8.02
CA GLN A 40 -2.74 10.12 9.07
C GLN A 40 -2.67 11.53 8.48
N SER A 41 -2.04 11.65 7.31
CA SER A 41 -2.04 12.91 6.59
C SER A 41 -3.40 13.15 5.95
N HIS A 42 -4.08 12.07 5.58
CA HIS A 42 -5.42 12.15 5.03
C HIS A 42 -6.39 11.35 5.89
N PRO A 43 -6.92 11.96 6.96
CA PRO A 43 -7.88 11.29 7.86
C PRO A 43 -9.11 10.82 7.11
N GLY A 44 -9.40 9.54 7.21
CA GLY A 44 -10.52 8.97 6.49
C GLY A 44 -10.07 8.14 5.31
N ASP A 45 -8.90 8.49 4.76
CA ASP A 45 -8.35 7.79 3.61
C ASP A 45 -7.47 6.64 4.07
N PHE A 46 -7.06 5.83 3.10
CA PHE A 46 -6.19 4.70 3.37
C PHE A 46 -4.94 4.81 2.50
N VAL A 47 -3.86 4.17 2.90
CA VAL A 47 -2.67 4.13 2.08
C VAL A 47 -2.19 2.70 1.88
N LEU A 48 -1.82 2.38 0.66
CA LEU A 48 -1.27 1.09 0.32
C LEU A 48 0.24 1.15 0.44
N SER A 49 0.79 0.49 1.42
CA SER A 49 2.22 0.54 1.61
C SER A 49 2.82 -0.76 1.09
N VAL A 50 3.88 -0.63 0.30
CA VAL A 50 4.46 -1.77 -0.39
C VAL A 50 5.97 -1.81 -0.19
N ARG A 51 6.51 -3.02 -0.15
CA ARG A 51 7.95 -3.21 -0.02
C ARG A 51 8.58 -3.32 -1.40
N THR A 52 9.24 -2.25 -1.81
CA THR A 52 9.82 -2.14 -3.13
C THR A 52 11.34 -2.22 -3.07
N GLY A 53 11.95 -2.76 -4.10
CA GLY A 53 13.39 -2.83 -4.16
C GLY A 53 13.94 -4.13 -3.63
N ASP A 54 15.23 -4.35 -3.85
CA ASP A 54 15.89 -5.56 -3.39
C ASP A 54 16.69 -5.29 -2.13
N ASP A 55 16.66 -6.24 -1.20
CA ASP A 55 17.42 -6.11 0.04
C ASP A 55 18.37 -7.29 0.24
N LYS A 56 18.30 -8.26 -0.67
CA LYS A 56 19.12 -9.47 -0.54
C LYS A 56 20.40 -9.37 -1.33
N GLY A 57 20.40 -8.54 -2.37
CA GLY A 57 21.59 -8.36 -3.17
C GLY A 57 22.34 -7.09 -2.80
N GLU A 58 22.13 -6.64 -1.57
CA GLU A 58 22.79 -5.44 -1.06
C GLU A 58 22.53 -4.23 -1.96
N SER A 59 21.32 -4.14 -2.50
CA SER A 59 20.93 -3.01 -3.33
C SER A 59 20.72 -1.77 -2.47
N ASN A 60 20.49 -1.99 -1.18
CA ASN A 60 20.31 -0.90 -0.24
C ASN A 60 20.74 -1.37 1.15
N ASP A 61 22.03 -1.71 1.24
CA ASP A 61 22.63 -2.26 2.45
C ASP A 61 21.85 -3.48 2.96
N GLY A 62 21.03 -3.25 3.97
CA GLY A 62 20.22 -4.32 4.51
C GLY A 62 18.79 -3.87 4.74
N LYS A 63 18.43 -2.76 4.11
CA LYS A 63 17.10 -2.20 4.24
C LYS A 63 16.36 -2.26 2.91
N SER A 64 15.08 -2.52 2.98
CA SER A 64 14.23 -2.48 1.80
C SER A 64 13.56 -1.12 1.70
N LYS A 65 13.00 -0.82 0.54
CA LYS A 65 12.28 0.42 0.35
C LYS A 65 10.79 0.17 0.59
N VAL A 66 10.12 1.14 1.19
CA VAL A 66 8.69 1.05 1.35
C VAL A 66 8.01 2.28 0.79
N THR A 67 7.27 2.10 -0.27
CA THR A 67 6.49 3.15 -0.83
C THR A 67 5.06 3.03 -0.33
N HIS A 68 4.45 4.16 -0.03
CA HIS A 68 3.08 4.18 0.44
C HIS A 68 2.22 4.89 -0.59
N VAL A 69 1.25 4.21 -1.15
CA VAL A 69 0.39 4.80 -2.17
C VAL A 69 -0.89 5.25 -1.48
N MET A 70 -1.35 6.45 -1.79
CA MET A 70 -2.53 6.97 -1.11
C MET A 70 -3.81 6.57 -1.84
N ILE A 71 -4.65 5.84 -1.12
CA ILE A 71 -5.93 5.39 -1.64
C ILE A 71 -7.00 6.38 -1.25
N ARG A 72 -7.58 7.06 -2.22
CA ARG A 72 -8.59 8.05 -1.94
C ARG A 72 -9.89 7.37 -1.56
N CYS A 73 -10.35 7.63 -0.35
CA CYS A 73 -11.61 7.09 0.13
C CYS A 73 -12.66 8.18 0.07
N GLN A 74 -13.38 8.23 -1.02
CA GLN A 74 -14.36 9.28 -1.23
C GLN A 74 -15.76 8.69 -1.28
N GLU A 75 -16.54 8.96 -0.23
CA GLU A 75 -17.90 8.45 -0.11
C GLU A 75 -17.91 6.92 -0.20
N LEU A 76 -17.01 6.31 0.58
CA LEU A 76 -16.89 4.85 0.67
C LEU A 76 -16.43 4.25 -0.67
N LYS A 77 -15.75 5.05 -1.47
CA LYS A 77 -15.20 4.59 -2.73
C LYS A 77 -13.68 4.65 -2.67
N TYR A 78 -13.02 3.58 -3.10
CA TYR A 78 -11.57 3.46 -2.96
C TYR A 78 -10.89 3.49 -4.33
N ASP A 79 -9.86 4.33 -4.47
CA ASP A 79 -9.07 4.37 -5.70
C ASP A 79 -7.68 4.94 -5.43
N VAL A 80 -6.66 4.30 -6.00
CA VAL A 80 -5.29 4.80 -5.90
C VAL A 80 -5.05 5.83 -7.01
N GLY A 81 -5.94 5.83 -7.98
CA GLY A 81 -5.87 6.78 -9.07
C GLY A 81 -5.81 6.10 -10.42
N GLY A 82 -5.93 4.78 -10.42
CA GLY A 82 -5.84 4.04 -11.66
C GLY A 82 -6.90 2.96 -11.78
N GLY A 83 -7.43 2.81 -12.98
CA GLY A 83 -8.46 1.82 -13.18
C GLY A 83 -9.82 2.31 -12.75
N GLU A 84 -10.72 1.40 -12.47
CA GLU A 84 -12.04 1.76 -11.98
C GLU A 84 -12.02 1.92 -10.48
N ARG A 85 -12.95 2.72 -9.97
CA ARG A 85 -13.06 2.94 -8.54
C ARG A 85 -13.88 1.82 -7.91
N PHE A 86 -13.36 1.22 -6.85
CA PHE A 86 -13.99 0.04 -6.27
C PHE A 86 -14.70 0.36 -4.97
N ASP A 87 -15.71 -0.45 -4.66
CA ASP A 87 -16.49 -0.28 -3.43
C ASP A 87 -15.89 -1.13 -2.31
N SER A 88 -14.91 -1.95 -2.67
CA SER A 88 -14.19 -2.75 -1.71
C SER A 88 -12.69 -2.57 -1.92
N LEU A 89 -11.95 -2.55 -0.82
CA LEU A 89 -10.50 -2.38 -0.88
C LEU A 89 -9.83 -3.64 -1.40
N THR A 90 -10.53 -4.76 -1.25
CA THR A 90 -10.05 -6.04 -1.75
C THR A 90 -9.85 -5.99 -3.26
N ASP A 91 -10.83 -5.43 -3.96
CA ASP A 91 -10.74 -5.28 -5.41
C ASP A 91 -9.65 -4.27 -5.75
N LEU A 92 -9.51 -3.27 -4.91
CA LEU A 92 -8.51 -2.22 -5.10
C LEU A 92 -7.10 -2.81 -5.08
N VAL A 93 -6.79 -3.52 -4.01
CA VAL A 93 -5.44 -4.04 -3.79
C VAL A 93 -5.09 -5.10 -4.83
N GLU A 94 -6.03 -5.98 -5.10
CA GLU A 94 -5.82 -7.06 -6.05
C GLU A 94 -5.74 -6.54 -7.48
N HIS A 95 -6.44 -5.45 -7.76
CA HIS A 95 -6.38 -4.82 -9.09
C HIS A 95 -4.95 -4.38 -9.39
N TYR A 96 -4.30 -3.79 -8.40
CA TYR A 96 -2.92 -3.33 -8.57
C TYR A 96 -1.94 -4.47 -8.31
N LYS A 97 -2.45 -5.56 -7.73
CA LYS A 97 -1.66 -6.76 -7.52
C LYS A 97 -1.46 -7.47 -8.86
N LYS A 98 -2.37 -7.22 -9.78
CA LYS A 98 -2.26 -7.74 -11.14
C LYS A 98 -1.54 -6.73 -12.02
N ASN A 99 -1.80 -5.45 -11.77
CA ASN A 99 -1.24 -4.38 -12.59
C ASN A 99 -0.41 -3.44 -11.73
N PRO A 100 0.93 -3.57 -11.79
CA PRO A 100 1.85 -2.72 -11.03
C PRO A 100 1.61 -1.23 -11.30
N MET A 101 1.57 -0.45 -10.23
CA MET A 101 1.37 0.99 -10.33
C MET A 101 2.72 1.73 -10.29
N VAL A 102 2.98 2.61 -11.25
CA VAL A 102 4.27 3.27 -11.35
C VAL A 102 4.22 4.72 -10.82
N GLU A 103 5.26 5.11 -10.07
CA GLU A 103 5.45 6.49 -9.66
C GLU A 103 6.16 7.27 -10.76
N THR A 104 6.13 8.58 -10.65
CA THR A 104 6.88 9.44 -11.56
C THR A 104 8.36 9.43 -11.20
N LEU A 105 8.66 8.86 -10.03
CA LEU A 105 10.04 8.73 -9.57
C LEU A 105 10.63 7.40 -10.02
N GLY A 106 9.90 6.69 -10.87
CA GLY A 106 10.38 5.44 -11.40
C GLY A 106 10.03 4.26 -10.52
N THR A 107 9.77 4.53 -9.24
CA THR A 107 9.34 3.50 -8.32
C THR A 107 7.98 2.96 -8.73
N VAL A 108 7.94 1.71 -9.16
CA VAL A 108 6.68 1.09 -9.45
C VAL A 108 6.38 0.00 -8.45
N LEU A 109 5.22 0.14 -7.83
CA LEU A 109 4.83 -0.71 -6.73
C LEU A 109 4.35 -2.05 -7.24
N GLN A 110 5.18 -3.06 -7.04
CA GLN A 110 4.86 -4.41 -7.48
C GLN A 110 4.17 -5.16 -6.35
N LEU A 111 2.84 -5.05 -6.32
CA LEU A 111 2.02 -5.68 -5.30
C LEU A 111 1.93 -7.18 -5.57
N LYS A 112 2.56 -7.99 -4.71
CA LYS A 112 2.56 -9.43 -4.91
C LYS A 112 1.80 -10.17 -3.82
N GLN A 113 2.20 -9.95 -2.57
CA GLN A 113 1.58 -10.67 -1.46
C GLN A 113 1.28 -9.73 -0.30
N PRO A 114 0.15 -9.95 0.38
CA PRO A 114 -0.29 -9.10 1.50
C PRO A 114 0.53 -9.34 2.78
N LEU A 115 0.87 -8.26 3.47
CA LEU A 115 1.58 -8.36 4.73
C LEU A 115 0.62 -8.83 5.82
N ASN A 116 0.79 -10.07 6.25
CA ASN A 116 -0.06 -10.66 7.28
C ASN A 116 -0.07 -9.80 8.54
N THR A 117 -1.26 -9.53 9.05
CA THR A 117 -1.43 -8.72 10.25
C THR A 117 -0.77 -9.40 11.46
N THR A 118 0.09 -8.65 12.14
CA THR A 118 0.78 -9.17 13.31
C THR A 118 0.50 -8.26 14.52
N ARG A 119 -0.25 -8.79 15.47
CA ARG A 119 -0.54 -8.05 16.69
C ARG A 119 0.60 -8.23 17.68
N GLU B 1 14.63 7.34 7.16
CA GLU B 1 13.56 7.79 6.25
C GLU B 1 12.26 7.05 6.54
N GLN B 2 11.14 7.64 6.11
CA GLN B 2 9.84 7.01 6.20
C GLN B 2 8.85 7.74 5.31
N THR B 3 7.88 7.00 4.78
CA THR B 3 6.82 7.55 3.92
C THR B 3 7.38 8.26 2.68
N GLU B 4 6.46 8.77 1.88
CA GLU B 4 6.76 9.34 0.57
C GLU B 4 5.44 9.60 -0.12
N ALA B 6 3.35 7.72 -2.68
CA ALA B 6 3.63 7.62 -4.10
C ALA B 6 2.68 8.46 -4.96
N THR B 7 3.26 9.15 -5.92
CA THR B 7 2.51 9.97 -6.86
C THR B 7 1.57 9.11 -7.72
N ILE B 8 2.10 7.99 -8.20
CA ILE B 8 1.37 7.08 -9.08
C ILE B 8 0.93 7.78 -10.37
N VAL B 9 1.72 7.61 -11.42
CA VAL B 9 1.44 8.26 -12.69
C VAL B 9 1.12 7.24 -13.77
N PHE B 10 -0.14 6.85 -13.84
CA PHE B 10 -0.59 5.98 -14.91
C PHE B 10 -0.53 6.73 -16.24
N PRO B 11 0.32 6.29 -17.17
CA PRO B 11 0.49 6.95 -18.47
C PRO B 11 -0.79 6.89 -19.30
N GLY A 1 -23.66 -5.67 6.78
CA GLY A 1 -22.79 -6.35 7.78
C GLY A 1 -22.57 -5.48 9.01
N PRO A 2 -22.71 -6.05 10.22
CA PRO A 2 -22.50 -5.31 11.47
C PRO A 2 -21.09 -4.76 11.59
N MET A 3 -20.12 -5.66 11.63
CA MET A 3 -18.71 -5.26 11.75
C MET A 3 -17.87 -5.96 10.70
N ALA A 4 -18.53 -6.41 9.64
CA ALA A 4 -17.85 -7.08 8.55
C ALA A 4 -17.41 -6.08 7.50
N ASP A 5 -16.15 -5.69 7.57
CA ASP A 5 -15.58 -4.72 6.64
C ASP A 5 -14.94 -5.43 5.46
N PRO A 6 -14.77 -4.73 4.33
CA PRO A 6 -14.07 -5.26 3.17
C PRO A 6 -12.58 -5.26 3.43
N THR A 7 -12.22 -4.66 4.56
CA THR A 7 -10.87 -4.56 5.01
C THR A 7 -10.56 -5.61 6.07
N SER A 8 -11.52 -6.48 6.36
CA SER A 8 -11.32 -7.53 7.36
C SER A 8 -10.44 -8.65 6.81
N GLU A 9 -9.36 -8.24 6.15
CA GLU A 9 -8.45 -9.16 5.50
C GLU A 9 -7.06 -9.11 6.12
N ARG A 10 -6.10 -9.75 5.48
CA ARG A 10 -4.75 -9.84 6.02
C ARG A 10 -3.91 -8.61 5.69
N TRP A 11 -4.22 -7.94 4.59
CA TRP A 11 -3.42 -6.81 4.13
C TRP A 11 -3.83 -5.49 4.79
N PHE A 12 -5.05 -5.43 5.30
CA PHE A 12 -5.50 -4.24 5.99
C PHE A 12 -4.99 -4.21 7.41
N HIS A 13 -4.25 -3.16 7.72
CA HIS A 13 -3.79 -2.90 9.07
C HIS A 13 -4.42 -1.60 9.54
N GLY A 14 -5.11 -1.64 10.67
CA GLY A 14 -5.85 -0.49 11.13
C GLY A 14 -4.97 0.66 11.57
N HIS A 15 -4.71 0.74 12.87
CA HIS A 15 -3.94 1.84 13.41
C HIS A 15 -2.45 1.70 13.12
N LEU A 16 -2.01 2.29 12.03
CA LEU A 16 -0.60 2.34 11.68
C LEU A 16 -0.21 3.76 11.31
N SER A 17 0.97 4.16 11.76
CA SER A 17 1.55 5.42 11.36
C SER A 17 2.48 5.19 10.17
N GLY A 18 2.98 6.26 9.57
CA GLY A 18 3.82 6.14 8.39
C GLY A 18 5.03 5.26 8.61
N LYS A 19 5.80 5.55 9.65
CA LYS A 19 7.01 4.80 9.95
C LYS A 19 6.68 3.45 10.58
N GLU A 20 5.52 3.35 11.23
CA GLU A 20 5.09 2.09 11.80
C GLU A 20 4.81 1.07 10.70
N ALA A 21 4.08 1.52 9.68
CA ALA A 21 3.77 0.69 8.52
C ALA A 21 5.02 0.42 7.72
N GLU A 22 5.90 1.41 7.69
CA GLU A 22 7.17 1.29 7.02
C GLU A 22 8.01 0.19 7.70
N LYS A 23 8.04 0.26 9.01
CA LYS A 23 8.74 -0.72 9.84
C LYS A 23 8.13 -2.11 9.64
N LEU A 24 6.81 -2.15 9.44
CA LEU A 24 6.09 -3.40 9.24
C LEU A 24 6.68 -4.18 8.07
N LEU A 25 6.78 -3.52 6.93
CA LEU A 25 7.29 -4.16 5.72
C LEU A 25 8.79 -4.32 5.73
N THR A 26 9.51 -3.29 6.16
CA THR A 26 10.97 -3.30 6.09
C THR A 26 11.55 -4.44 6.93
N GLU A 27 10.92 -4.76 8.05
CA GLU A 27 11.39 -5.86 8.89
C GLU A 27 10.66 -7.16 8.58
N LYS A 28 9.33 -7.11 8.62
CA LYS A 28 8.52 -8.32 8.65
C LYS A 28 8.01 -8.72 7.26
N GLY A 29 8.18 -7.83 6.30
CA GLY A 29 7.68 -8.10 4.95
C GLY A 29 8.75 -8.66 4.03
N LYS A 30 8.48 -8.63 2.73
CA LYS A 30 9.41 -9.09 1.72
C LYS A 30 9.14 -8.38 0.41
N HIS A 31 9.97 -8.59 -0.59
CA HIS A 31 9.79 -7.95 -1.89
C HIS A 31 8.39 -8.24 -2.44
N GLY A 32 7.58 -7.19 -2.58
CA GLY A 32 6.25 -7.36 -3.12
C GLY A 32 5.16 -7.37 -2.05
N SER A 33 5.55 -7.30 -0.78
CA SER A 33 4.56 -7.29 0.30
C SER A 33 3.82 -5.96 0.32
N PHE A 34 2.51 -6.02 0.51
CA PHE A 34 1.70 -4.82 0.55
C PHE A 34 0.69 -4.89 1.69
N LEU A 35 0.33 -3.74 2.23
CA LEU A 35 -0.67 -3.66 3.27
C LEU A 35 -1.34 -2.29 3.22
N VAL A 36 -2.65 -2.26 3.30
CA VAL A 36 -3.36 -0.99 3.33
C VAL A 36 -3.66 -0.63 4.77
N ARG A 37 -3.49 0.63 5.09
CA ARG A 37 -3.59 1.11 6.45
C ARG A 37 -4.31 2.45 6.47
N GLU A 38 -4.80 2.84 7.64
CA GLU A 38 -5.48 4.12 7.77
C GLU A 38 -4.47 5.26 7.66
N SER A 39 -4.81 6.26 6.85
CA SER A 39 -3.97 7.43 6.66
C SER A 39 -4.07 8.38 7.85
N GLN A 40 -2.94 8.89 8.30
CA GLN A 40 -2.93 9.85 9.39
C GLN A 40 -2.77 11.26 8.84
N SER A 41 -2.16 11.37 7.67
CA SER A 41 -2.09 12.64 6.96
C SER A 41 -3.47 12.96 6.41
N HIS A 42 -4.18 11.92 5.98
CA HIS A 42 -5.55 12.06 5.47
C HIS A 42 -6.50 11.21 6.29
N PRO A 43 -6.93 11.71 7.46
CA PRO A 43 -7.83 10.97 8.35
C PRO A 43 -9.11 10.51 7.65
N GLY A 44 -9.34 9.21 7.68
CA GLY A 44 -10.51 8.65 7.01
C GLY A 44 -10.12 7.89 5.76
N ASP A 45 -8.99 8.27 5.16
CA ASP A 45 -8.51 7.62 3.95
C ASP A 45 -7.60 6.45 4.30
N PHE A 46 -7.26 5.67 3.29
CA PHE A 46 -6.37 4.53 3.47
C PHE A 46 -5.15 4.69 2.57
N VAL A 47 -4.05 4.08 2.96
CA VAL A 47 -2.85 4.10 2.14
C VAL A 47 -2.32 2.68 1.95
N LEU A 48 -1.91 2.39 0.72
CA LEU A 48 -1.35 1.11 0.39
C LEU A 48 0.16 1.16 0.52
N SER A 49 0.71 0.49 1.50
CA SER A 49 2.15 0.52 1.68
C SER A 49 2.75 -0.77 1.13
N VAL A 50 3.79 -0.63 0.34
CA VAL A 50 4.40 -1.76 -0.35
C VAL A 50 5.91 -1.77 -0.16
N ARG A 51 6.48 -2.96 -0.15
CA ARG A 51 7.92 -3.10 -0.06
C ARG A 51 8.51 -3.25 -1.45
N THR A 52 9.14 -2.20 -1.92
CA THR A 52 9.73 -2.16 -3.23
C THR A 52 11.24 -2.34 -3.11
N GLY A 53 11.85 -2.97 -4.10
CA GLY A 53 13.26 -3.23 -4.02
C GLY A 53 13.56 -4.51 -3.27
N ASP A 54 14.82 -4.90 -3.27
CA ASP A 54 15.26 -6.07 -2.52
C ASP A 54 15.99 -5.63 -1.26
N ASP A 55 16.18 -6.55 -0.33
CA ASP A 55 16.80 -6.22 0.95
C ASP A 55 18.29 -6.53 0.94
N LYS A 56 18.76 -7.12 -0.15
CA LYS A 56 20.18 -7.46 -0.27
C LYS A 56 20.79 -6.81 -1.50
N GLY A 57 21.89 -6.11 -1.29
CA GLY A 57 22.61 -5.51 -2.40
C GLY A 57 22.25 -4.06 -2.62
N GLU A 58 21.57 -3.47 -1.65
CA GLU A 58 21.17 -2.06 -1.69
C GLU A 58 20.36 -1.73 -2.94
N SER A 59 19.04 -1.82 -2.80
CA SER A 59 18.13 -1.53 -3.90
C SER A 59 18.28 -0.07 -4.33
N ASN A 60 17.84 0.84 -3.48
CA ASN A 60 17.98 2.27 -3.74
C ASN A 60 18.77 2.92 -2.62
N ASP A 61 18.51 2.45 -1.40
CA ASP A 61 19.27 2.87 -0.24
C ASP A 61 19.81 1.64 0.48
N GLY A 62 20.33 1.82 1.67
CA GLY A 62 20.93 0.71 2.39
C GLY A 62 19.92 -0.36 2.77
N LYS A 63 18.71 0.06 3.13
CA LYS A 63 17.72 -0.88 3.63
C LYS A 63 16.70 -1.23 2.55
N SER A 64 15.64 -1.93 2.96
CA SER A 64 14.53 -2.24 2.07
C SER A 64 13.66 -1.01 1.90
N LYS A 65 13.07 -0.86 0.72
CA LYS A 65 12.26 0.32 0.45
C LYS A 65 10.79 0.02 0.68
N VAL A 66 10.10 0.97 1.30
CA VAL A 66 8.67 0.89 1.47
C VAL A 66 8.00 2.13 0.90
N THR A 67 7.24 1.94 -0.14
CA THR A 67 6.47 3.00 -0.73
C THR A 67 5.03 2.94 -0.24
N HIS A 68 4.47 4.08 0.07
CA HIS A 68 3.10 4.15 0.53
C HIS A 68 2.25 4.85 -0.52
N VAL A 69 1.27 4.17 -1.07
CA VAL A 69 0.44 4.76 -2.11
C VAL A 69 -0.86 5.26 -1.49
N MET A 70 -1.31 6.42 -1.90
CA MET A 70 -2.48 7.04 -1.32
C MET A 70 -3.74 6.52 -1.99
N ILE A 71 -4.62 5.91 -1.21
CA ILE A 71 -5.89 5.45 -1.72
C ILE A 71 -6.94 6.51 -1.48
N ARG A 72 -7.35 7.18 -2.54
CA ARG A 72 -8.33 8.25 -2.43
C ARG A 72 -9.68 7.68 -2.03
N CYS A 73 -10.07 7.91 -0.79
CA CYS A 73 -11.32 7.41 -0.27
C CYS A 73 -12.37 8.50 -0.33
N GLN A 74 -13.12 8.53 -1.42
CA GLN A 74 -14.11 9.56 -1.65
C GLN A 74 -15.50 8.95 -1.64
N GLU A 75 -16.27 9.23 -0.59
CA GLU A 75 -17.61 8.68 -0.42
C GLU A 75 -17.56 7.16 -0.40
N LEU A 76 -16.62 6.63 0.38
CA LEU A 76 -16.45 5.18 0.55
C LEU A 76 -16.03 4.50 -0.76
N LYS A 77 -15.47 5.29 -1.67
CA LYS A 77 -14.95 4.75 -2.92
C LYS A 77 -13.43 4.78 -2.86
N TYR A 78 -12.79 3.72 -3.33
CA TYR A 78 -11.34 3.57 -3.18
C TYR A 78 -10.65 3.50 -4.53
N ASP A 79 -9.58 4.27 -4.67
CA ASP A 79 -8.78 4.30 -5.89
C ASP A 79 -7.37 4.77 -5.60
N VAL A 80 -6.38 4.14 -6.22
CA VAL A 80 -5.00 4.57 -6.09
C VAL A 80 -4.69 5.61 -7.17
N GLY A 81 -5.57 5.65 -8.17
CA GLY A 81 -5.40 6.57 -9.26
C GLY A 81 -5.36 5.87 -10.60
N GLY A 82 -5.67 4.59 -10.60
CA GLY A 82 -5.57 3.83 -11.83
C GLY A 82 -6.75 2.90 -12.06
N GLY A 83 -7.16 2.83 -13.32
CA GLY A 83 -8.22 1.92 -13.70
C GLY A 83 -9.57 2.28 -13.10
N GLU A 84 -10.37 1.27 -12.85
CA GLU A 84 -11.71 1.45 -12.31
C GLU A 84 -11.64 1.68 -10.80
N ARG A 85 -12.55 2.52 -10.30
CA ARG A 85 -12.62 2.79 -8.87
C ARG A 85 -13.48 1.74 -8.18
N PHE A 86 -12.99 1.21 -7.08
CA PHE A 86 -13.65 0.10 -6.41
C PHE A 86 -14.31 0.52 -5.12
N ASP A 87 -15.39 -0.17 -4.79
CA ASP A 87 -16.17 0.12 -3.59
C ASP A 87 -15.61 -0.63 -2.40
N SER A 88 -14.77 -1.60 -2.70
CA SER A 88 -14.15 -2.42 -1.66
C SER A 88 -12.64 -2.50 -1.89
N LEU A 89 -11.89 -2.49 -0.79
CA LEU A 89 -10.44 -2.47 -0.86
C LEU A 89 -9.87 -3.80 -1.33
N THR A 90 -10.63 -4.87 -1.16
CA THR A 90 -10.19 -6.18 -1.63
C THR A 90 -10.00 -6.18 -3.14
N ASP A 91 -10.95 -5.57 -3.84
CA ASP A 91 -10.87 -5.45 -5.29
C ASP A 91 -9.81 -4.41 -5.66
N LEU A 92 -9.67 -3.40 -4.81
CA LEU A 92 -8.68 -2.34 -5.02
C LEU A 92 -7.27 -2.93 -5.03
N VAL A 93 -6.95 -3.65 -3.97
CA VAL A 93 -5.59 -4.15 -3.77
C VAL A 93 -5.22 -5.20 -4.82
N GLU A 94 -6.16 -6.10 -5.11
CA GLU A 94 -5.91 -7.16 -6.08
C GLU A 94 -5.83 -6.61 -7.50
N HIS A 95 -6.56 -5.53 -7.76
CA HIS A 95 -6.50 -4.87 -9.05
C HIS A 95 -5.07 -4.42 -9.36
N TYR A 96 -4.40 -3.87 -8.35
CA TYR A 96 -3.05 -3.37 -8.54
C TYR A 96 -2.01 -4.48 -8.36
N LYS A 97 -2.44 -5.67 -7.93
CA LYS A 97 -1.57 -6.83 -7.93
C LYS A 97 -1.29 -7.25 -9.37
N LYS A 98 -2.29 -7.03 -10.21
CA LYS A 98 -2.21 -7.36 -11.60
C LYS A 98 -1.71 -6.16 -12.40
N ASN A 99 -2.13 -4.97 -11.97
CA ASN A 99 -1.75 -3.74 -12.65
C ASN A 99 -0.82 -2.92 -11.78
N PRO A 100 0.50 -3.04 -11.99
CA PRO A 100 1.50 -2.31 -11.19
C PRO A 100 1.36 -0.81 -11.35
N MET A 101 1.26 -0.10 -10.24
CA MET A 101 1.14 1.35 -10.27
C MET A 101 2.54 2.00 -10.25
N VAL A 102 2.87 2.73 -11.31
CA VAL A 102 4.20 3.32 -11.46
C VAL A 102 4.23 4.77 -10.99
N GLU A 103 5.20 5.09 -10.15
CA GLU A 103 5.51 6.46 -9.81
C GLU A 103 6.31 7.17 -10.88
N THR A 104 6.27 8.50 -10.82
CA THR A 104 7.02 9.34 -11.74
C THR A 104 8.50 9.31 -11.38
N LEU A 105 8.80 8.73 -10.22
CA LEU A 105 10.16 8.57 -9.77
C LEU A 105 10.72 7.24 -10.27
N GLY A 106 9.89 6.48 -10.97
CA GLY A 106 10.30 5.20 -11.48
C GLY A 106 9.88 4.07 -10.57
N THR A 107 9.72 4.36 -9.28
CA THR A 107 9.26 3.36 -8.33
C THR A 107 7.87 2.87 -8.72
N VAL A 108 7.78 1.63 -9.14
CA VAL A 108 6.49 1.05 -9.43
C VAL A 108 6.17 -0.03 -8.42
N LEU A 109 5.00 0.09 -7.84
CA LEU A 109 4.62 -0.73 -6.71
C LEU A 109 4.09 -2.08 -7.18
N GLN A 110 4.87 -3.11 -6.90
CA GLN A 110 4.52 -4.46 -7.30
C GLN A 110 3.85 -5.19 -6.15
N LEU A 111 2.53 -5.10 -6.11
CA LEU A 111 1.73 -5.75 -5.08
C LEU A 111 1.66 -7.25 -5.34
N LYS A 112 2.32 -8.04 -4.50
CA LYS A 112 2.31 -9.48 -4.68
C LYS A 112 1.60 -10.20 -3.54
N GLN A 113 2.05 -9.98 -2.32
CA GLN A 113 1.49 -10.69 -1.18
C GLN A 113 1.20 -9.74 -0.02
N PRO A 114 0.09 -9.98 0.69
CA PRO A 114 -0.33 -9.15 1.82
C PRO A 114 0.53 -9.38 3.06
N LEU A 115 0.92 -8.30 3.72
CA LEU A 115 1.68 -8.40 4.95
C LEU A 115 0.77 -8.91 6.06
N ASN A 116 1.08 -10.11 6.55
CA ASN A 116 0.30 -10.75 7.61
C ASN A 116 0.11 -9.81 8.79
N THR A 117 -1.13 -9.69 9.26
CA THR A 117 -1.43 -8.82 10.37
C THR A 117 -0.92 -9.41 11.68
N THR A 118 0.13 -8.82 12.21
CA THR A 118 0.65 -9.23 13.49
C THR A 118 0.02 -8.37 14.59
N ARG A 119 -0.91 -8.95 15.32
CA ARG A 119 -1.71 -8.20 16.27
C ARG A 119 -1.40 -8.66 17.69
N GLU B 1 13.91 9.79 4.48
CA GLU B 1 12.69 9.86 3.65
C GLU B 1 11.56 9.07 4.32
N GLN B 2 10.40 9.68 4.43
CA GLN B 2 9.27 9.07 5.12
C GLN B 2 8.01 9.20 4.29
N THR B 3 7.22 8.12 4.25
CA THR B 3 5.92 8.08 3.57
C THR B 3 5.92 8.75 2.21
N GLU B 4 5.60 10.05 2.20
CA GLU B 4 5.56 10.86 0.97
C GLU B 4 4.29 10.52 0.17
N ALA B 6 3.15 7.72 -2.64
CA ALA B 6 3.36 7.60 -4.08
C ALA B 6 2.22 8.24 -4.86
N THR B 7 2.61 9.12 -5.77
CA THR B 7 1.68 9.89 -6.59
C THR B 7 0.95 9.00 -7.58
N ILE B 8 1.70 8.11 -8.23
CA ILE B 8 1.15 7.12 -9.15
C ILE B 8 0.77 7.75 -10.48
N VAL B 9 1.60 7.53 -11.48
CA VAL B 9 1.36 8.02 -12.82
C VAL B 9 1.56 6.91 -13.84
N PHE B 10 0.50 6.15 -14.08
CA PHE B 10 0.53 5.07 -15.07
C PHE B 10 0.91 5.62 -16.45
N PRO B 11 2.14 5.33 -16.91
CA PRO B 11 2.66 5.86 -18.15
C PRO B 11 1.87 5.40 -19.36
N GLY A 1 -25.18 2.31 7.09
CA GLY A 1 -25.26 0.83 7.08
C GLY A 1 -24.62 0.22 8.32
N PRO A 2 -24.62 -1.11 8.44
CA PRO A 2 -24.00 -1.80 9.57
C PRO A 2 -22.47 -1.81 9.48
N MET A 3 -21.84 -2.64 10.29
CA MET A 3 -20.41 -2.77 10.28
C MET A 3 -19.97 -3.71 9.16
N ALA A 4 -19.96 -3.18 7.94
CA ALA A 4 -19.57 -3.95 6.77
C ALA A 4 -18.29 -3.39 6.17
N ASP A 5 -17.24 -3.33 6.98
CA ASP A 5 -15.96 -2.78 6.55
C ASP A 5 -15.35 -3.64 5.45
N PRO A 6 -14.98 -3.03 4.32
CA PRO A 6 -14.33 -3.73 3.20
C PRO A 6 -12.87 -4.01 3.54
N THR A 7 -12.47 -3.48 4.67
CA THR A 7 -11.12 -3.57 5.15
C THR A 7 -10.94 -4.79 6.05
N SER A 8 -11.97 -5.62 6.15
CA SER A 8 -11.94 -6.81 7.00
C SER A 8 -11.08 -7.91 6.35
N GLU A 9 -9.87 -7.54 5.97
CA GLU A 9 -8.94 -8.44 5.30
C GLU A 9 -7.59 -8.38 6.00
N ARG A 10 -6.70 -9.31 5.65
CA ARG A 10 -5.44 -9.48 6.37
C ARG A 10 -4.35 -8.51 5.93
N TRP A 11 -4.58 -7.81 4.82
CA TRP A 11 -3.61 -6.82 4.37
C TRP A 11 -3.96 -5.43 4.90
N PHE A 12 -5.16 -5.30 5.45
CA PHE A 12 -5.56 -4.05 6.09
C PHE A 12 -5.08 -4.01 7.52
N HIS A 13 -4.25 -3.02 7.81
CA HIS A 13 -3.76 -2.79 9.15
C HIS A 13 -4.36 -1.49 9.66
N GLY A 14 -5.16 -1.59 10.72
CA GLY A 14 -5.88 -0.45 11.24
C GLY A 14 -4.98 0.64 11.78
N HIS A 15 -4.28 0.35 12.86
CA HIS A 15 -3.46 1.35 13.53
C HIS A 15 -1.99 1.21 13.15
N LEU A 16 -1.53 2.11 12.30
CA LEU A 16 -0.13 2.15 11.88
C LEU A 16 0.26 3.55 11.45
N SER A 17 1.38 4.04 11.96
CA SER A 17 1.93 5.29 11.50
C SER A 17 2.79 5.05 10.26
N GLY A 18 3.25 6.11 9.63
CA GLY A 18 4.12 5.96 8.47
C GLY A 18 5.33 5.12 8.80
N LYS A 19 6.00 5.47 9.89
CA LYS A 19 7.19 4.78 10.35
C LYS A 19 6.90 3.31 10.67
N GLU A 20 5.81 3.08 11.39
CA GLU A 20 5.45 1.72 11.81
C GLU A 20 5.09 0.85 10.62
N ALA A 21 4.24 1.35 9.73
CA ALA A 21 3.83 0.59 8.56
C ALA A 21 5.02 0.31 7.66
N GLU A 22 5.94 1.25 7.61
CA GLU A 22 7.16 1.09 6.85
C GLU A 22 8.02 -0.01 7.48
N LYS A 23 8.16 0.06 8.80
CA LYS A 23 8.88 -0.95 9.56
C LYS A 23 8.22 -2.32 9.41
N LEU A 24 6.90 -2.33 9.26
CA LEU A 24 6.13 -3.56 9.10
C LEU A 24 6.66 -4.37 7.91
N LEU A 25 6.77 -3.72 6.78
CA LEU A 25 7.23 -4.36 5.56
C LEU A 25 8.74 -4.58 5.54
N THR A 26 9.48 -3.54 5.90
CA THR A 26 10.94 -3.56 5.79
C THR A 26 11.55 -4.62 6.71
N GLU A 27 10.94 -4.85 7.86
CA GLU A 27 11.43 -5.85 8.81
C GLU A 27 10.70 -7.19 8.67
N LYS A 28 9.36 -7.17 8.73
CA LYS A 28 8.58 -8.41 8.81
C LYS A 28 8.18 -8.92 7.43
N GLY A 29 7.95 -8.00 6.49
CA GLY A 29 7.53 -8.39 5.17
C GLY A 29 8.69 -8.70 4.25
N LYS A 30 8.44 -8.73 2.95
CA LYS A 30 9.48 -8.98 1.98
C LYS A 30 9.21 -8.20 0.70
N HIS A 31 10.14 -8.23 -0.25
CA HIS A 31 9.95 -7.54 -1.52
C HIS A 31 8.61 -7.91 -2.16
N GLY A 32 7.78 -6.91 -2.38
CA GLY A 32 6.49 -7.15 -3.02
C GLY A 32 5.35 -7.25 -2.03
N SER A 33 5.66 -7.20 -0.75
CA SER A 33 4.64 -7.23 0.28
C SER A 33 3.92 -5.90 0.32
N PHE A 34 2.60 -5.94 0.46
CA PHE A 34 1.81 -4.73 0.54
C PHE A 34 0.77 -4.84 1.64
N LEU A 35 0.45 -3.71 2.25
CA LEU A 35 -0.56 -3.64 3.28
C LEU A 35 -1.23 -2.27 3.23
N VAL A 36 -2.54 -2.24 3.34
CA VAL A 36 -3.25 -0.99 3.37
C VAL A 36 -3.57 -0.62 4.81
N ARG A 37 -3.32 0.61 5.16
CA ARG A 37 -3.56 1.08 6.51
C ARG A 37 -4.36 2.36 6.46
N GLU A 38 -4.80 2.83 7.61
CA GLU A 38 -5.53 4.08 7.67
C GLU A 38 -4.55 5.26 7.56
N SER A 39 -4.84 6.17 6.62
CA SER A 39 -3.98 7.32 6.39
C SER A 39 -4.07 8.28 7.55
N GLN A 40 -2.91 8.75 8.01
CA GLN A 40 -2.87 9.69 9.12
C GLN A 40 -2.76 11.11 8.61
N SER A 41 -2.21 11.28 7.41
CA SER A 41 -2.18 12.58 6.77
C SER A 41 -3.52 12.87 6.11
N HIS A 42 -4.25 11.82 5.75
CA HIS A 42 -5.56 11.97 5.14
C HIS A 42 -6.61 11.16 5.92
N PRO A 43 -7.21 11.76 6.96
CA PRO A 43 -8.28 11.12 7.72
C PRO A 43 -9.46 10.77 6.83
N GLY A 44 -9.84 9.51 6.83
CA GLY A 44 -10.92 9.07 5.97
C GLY A 44 -10.42 8.36 4.74
N ASP A 45 -9.12 8.43 4.51
CA ASP A 45 -8.48 7.75 3.39
C ASP A 45 -7.55 6.67 3.89
N PHE A 46 -7.04 5.86 2.98
CA PHE A 46 -6.17 4.75 3.35
C PHE A 46 -4.86 4.82 2.59
N VAL A 47 -3.87 4.09 3.05
CA VAL A 47 -2.56 4.10 2.47
C VAL A 47 -2.11 2.69 2.09
N LEU A 48 -1.71 2.52 0.84
CA LEU A 48 -1.15 1.25 0.39
C LEU A 48 0.36 1.31 0.58
N SER A 49 0.88 0.56 1.52
CA SER A 49 2.30 0.55 1.76
C SER A 49 2.90 -0.71 1.15
N VAL A 50 3.89 -0.53 0.29
CA VAL A 50 4.46 -1.62 -0.46
C VAL A 50 5.98 -1.65 -0.31
N ARG A 51 6.56 -2.84 -0.25
CA ARG A 51 8.01 -2.94 -0.19
C ARG A 51 8.58 -3.03 -1.60
N THR A 52 9.12 -1.92 -2.05
CA THR A 52 9.67 -1.77 -3.38
C THR A 52 11.20 -1.73 -3.31
N GLY A 53 11.84 -2.22 -4.34
CA GLY A 53 13.28 -2.29 -4.31
C GLY A 53 13.75 -3.64 -3.81
N ASP A 54 14.82 -4.13 -4.37
CA ASP A 54 15.38 -5.40 -3.97
C ASP A 54 16.63 -5.19 -3.12
N ASP A 55 16.50 -5.52 -1.84
CA ASP A 55 17.59 -5.36 -0.88
C ASP A 55 18.68 -6.37 -1.21
N LYS A 56 18.22 -7.55 -1.58
CA LYS A 56 19.09 -8.63 -2.00
C LYS A 56 19.42 -8.45 -3.48
N GLY A 57 20.53 -7.79 -3.74
CA GLY A 57 20.86 -7.38 -5.09
C GLY A 57 21.53 -6.03 -5.12
N GLU A 58 21.59 -5.39 -3.95
CA GLU A 58 22.30 -4.14 -3.74
C GLU A 58 21.59 -2.96 -4.40
N SER A 59 20.28 -3.08 -4.53
CA SER A 59 19.47 -1.97 -5.03
C SER A 59 19.01 -1.13 -3.86
N ASN A 60 19.93 -0.33 -3.32
CA ASN A 60 19.71 0.39 -2.07
C ASN A 60 19.50 -0.62 -0.95
N ASP A 61 20.56 -1.34 -0.64
CA ASP A 61 20.50 -2.43 0.32
C ASP A 61 20.67 -1.94 1.75
N GLY A 62 20.42 -2.82 2.69
CA GLY A 62 20.50 -2.45 4.09
C GLY A 62 19.15 -2.04 4.61
N LYS A 63 18.51 -1.13 3.88
CA LYS A 63 17.14 -0.75 4.16
C LYS A 63 16.33 -0.79 2.87
N SER A 64 15.29 -1.60 2.89
CA SER A 64 14.45 -1.76 1.73
C SER A 64 13.46 -0.62 1.64
N LYS A 65 13.08 -0.26 0.44
CA LYS A 65 12.18 0.85 0.22
C LYS A 65 10.73 0.44 0.42
N VAL A 66 9.99 1.31 1.08
CA VAL A 66 8.54 1.17 1.14
C VAL A 66 7.90 2.41 0.56
N THR A 67 7.21 2.23 -0.55
CA THR A 67 6.42 3.27 -1.11
C THR A 67 5.01 3.17 -0.56
N HIS A 68 4.41 4.31 -0.28
CA HIS A 68 3.09 4.34 0.28
C HIS A 68 2.17 5.08 -0.68
N VAL A 69 1.18 4.39 -1.22
CA VAL A 69 0.29 4.99 -2.21
C VAL A 69 -0.99 5.44 -1.51
N MET A 70 -1.49 6.60 -1.88
CA MET A 70 -2.63 7.18 -1.22
C MET A 70 -3.93 6.64 -1.81
N ILE A 71 -4.70 5.94 -0.99
CA ILE A 71 -5.95 5.35 -1.43
C ILE A 71 -7.12 6.25 -1.05
N ARG A 72 -7.70 6.90 -2.04
CA ARG A 72 -8.88 7.72 -1.83
C ARG A 72 -10.05 6.87 -1.39
N CYS A 73 -10.62 7.20 -0.24
CA CYS A 73 -11.82 6.54 0.23
C CYS A 73 -12.96 7.53 0.32
N GLN A 74 -13.70 7.64 -0.77
CA GLN A 74 -14.83 8.55 -0.83
C GLN A 74 -16.13 7.74 -0.97
N GLU A 75 -16.98 7.82 0.04
CA GLU A 75 -18.26 7.11 0.09
C GLU A 75 -18.04 5.60 -0.07
N LEU A 76 -17.05 5.08 0.64
CA LEU A 76 -16.72 3.65 0.62
C LEU A 76 -16.24 3.20 -0.75
N LYS A 77 -15.76 4.14 -1.55
CA LYS A 77 -15.12 3.82 -2.82
C LYS A 77 -13.64 4.17 -2.76
N TYR A 78 -12.81 3.23 -3.20
CA TYR A 78 -11.37 3.36 -3.07
C TYR A 78 -10.72 3.57 -4.43
N ASP A 79 -9.75 4.48 -4.49
CA ASP A 79 -9.02 4.76 -5.72
C ASP A 79 -7.62 5.29 -5.39
N VAL A 80 -6.60 4.67 -5.96
CA VAL A 80 -5.21 5.03 -5.67
C VAL A 80 -4.78 6.31 -6.41
N GLY A 81 -5.70 6.86 -7.18
CA GLY A 81 -5.43 8.10 -7.89
C GLY A 81 -5.68 7.97 -9.37
N GLY A 82 -5.69 6.74 -9.85
CA GLY A 82 -5.96 6.50 -11.25
C GLY A 82 -6.89 5.31 -11.44
N GLY A 83 -7.52 5.24 -12.60
CA GLY A 83 -8.36 4.11 -12.92
C GLY A 83 -9.80 4.27 -12.47
N GLU A 84 -10.35 3.24 -11.88
CA GLU A 84 -11.74 3.22 -11.46
C GLU A 84 -11.85 3.11 -9.94
N ARG A 85 -12.85 3.76 -9.37
CA ARG A 85 -13.12 3.66 -7.95
C ARG A 85 -13.77 2.33 -7.64
N PHE A 86 -13.23 1.60 -6.69
CA PHE A 86 -13.75 0.29 -6.34
C PHE A 86 -14.52 0.34 -5.03
N ASP A 87 -15.59 -0.45 -4.95
CA ASP A 87 -16.50 -0.43 -3.81
C ASP A 87 -15.91 -1.14 -2.60
N SER A 88 -14.80 -1.83 -2.82
CA SER A 88 -14.13 -2.54 -1.75
C SER A 88 -12.62 -2.39 -1.91
N LEU A 89 -11.92 -2.30 -0.78
CA LEU A 89 -10.47 -2.16 -0.80
C LEU A 89 -9.84 -3.45 -1.33
N THR A 90 -10.57 -4.55 -1.20
CA THR A 90 -10.13 -5.82 -1.74
C THR A 90 -9.98 -5.73 -3.26
N ASP A 91 -10.99 -5.18 -3.92
CA ASP A 91 -10.96 -5.02 -5.38
C ASP A 91 -9.87 -4.03 -5.77
N LEU A 92 -9.62 -3.08 -4.88
CA LEU A 92 -8.58 -2.07 -5.09
C LEU A 92 -7.20 -2.73 -5.13
N VAL A 93 -6.89 -3.48 -4.08
CA VAL A 93 -5.55 -4.06 -3.94
C VAL A 93 -5.32 -5.18 -4.96
N GLU A 94 -6.33 -6.02 -5.17
CA GLU A 94 -6.24 -7.11 -6.12
C GLU A 94 -6.01 -6.59 -7.54
N HIS A 95 -6.69 -5.49 -7.86
CA HIS A 95 -6.56 -4.87 -9.18
C HIS A 95 -5.12 -4.47 -9.45
N TYR A 96 -4.47 -3.89 -8.44
CA TYR A 96 -3.09 -3.45 -8.57
C TYR A 96 -2.13 -4.60 -8.30
N LYS A 97 -2.64 -5.68 -7.74
CA LYS A 97 -1.86 -6.88 -7.48
C LYS A 97 -1.61 -7.60 -8.81
N LYS A 98 -2.54 -7.42 -9.74
CA LYS A 98 -2.39 -7.97 -11.08
C LYS A 98 -1.65 -6.99 -11.98
N ASN A 99 -1.90 -5.70 -11.78
CA ASN A 99 -1.32 -4.67 -12.61
C ASN A 99 -0.47 -3.71 -11.78
N PRO A 100 0.86 -3.82 -11.87
CA PRO A 100 1.79 -2.95 -11.13
C PRO A 100 1.52 -1.47 -11.39
N MET A 101 1.39 -0.70 -10.33
CA MET A 101 1.18 0.74 -10.42
C MET A 101 2.53 1.48 -10.45
N VAL A 102 2.76 2.26 -11.50
CA VAL A 102 4.03 2.96 -11.66
C VAL A 102 3.93 4.43 -11.26
N GLU A 103 4.97 4.94 -10.59
CA GLU A 103 5.09 6.37 -10.32
C GLU A 103 5.84 7.05 -11.46
N THR A 104 5.71 8.36 -11.55
CA THR A 104 6.41 9.13 -12.56
C THR A 104 7.90 9.23 -12.21
N LEU A 105 8.23 8.85 -10.98
CA LEU A 105 9.61 8.84 -10.51
C LEU A 105 10.30 7.56 -10.94
N GLY A 106 9.52 6.63 -11.47
CA GLY A 106 10.05 5.35 -11.89
C GLY A 106 9.75 4.26 -10.88
N THR A 107 9.44 4.66 -9.66
CA THR A 107 9.04 3.71 -8.63
C THR A 107 7.73 3.05 -9.02
N VAL A 108 7.77 1.78 -9.32
CA VAL A 108 6.54 1.04 -9.56
C VAL A 108 6.32 0.03 -8.48
N LEU A 109 5.13 0.11 -7.90
CA LEU A 109 4.80 -0.67 -6.73
C LEU A 109 4.39 -2.07 -7.13
N GLN A 110 5.25 -3.03 -6.81
CA GLN A 110 4.99 -4.42 -7.11
C GLN A 110 4.14 -5.03 -6.01
N LEU A 111 2.83 -4.94 -6.16
CA LEU A 111 1.93 -5.57 -5.22
C LEU A 111 1.88 -7.06 -5.53
N LYS A 112 2.62 -7.85 -4.77
CA LYS A 112 2.78 -9.26 -5.05
C LYS A 112 2.05 -10.11 -4.01
N GLN A 113 2.28 -9.82 -2.74
CA GLN A 113 1.61 -10.54 -1.66
C GLN A 113 1.37 -9.63 -0.47
N PRO A 114 0.26 -9.87 0.26
CA PRO A 114 -0.16 -9.01 1.38
C PRO A 114 0.63 -9.29 2.67
N LEU A 115 0.83 -8.24 3.46
CA LEU A 115 1.49 -8.37 4.75
C LEU A 115 0.46 -8.79 5.79
N ASN A 116 0.55 -10.02 6.26
CA ASN A 116 -0.37 -10.56 7.25
C ASN A 116 -0.40 -9.69 8.51
N THR A 117 -1.56 -9.60 9.13
CA THR A 117 -1.75 -8.78 10.30
C THR A 117 -1.29 -9.48 11.57
N THR A 118 -0.58 -8.75 12.41
CA THR A 118 -0.19 -9.25 13.70
C THR A 118 -0.89 -8.44 14.79
N ARG A 119 -1.71 -9.11 15.59
CA ARG A 119 -2.50 -8.43 16.61
C ARG A 119 -1.98 -8.78 17.99
N GLU B 1 13.11 8.87 -1.18
CA GLU B 1 12.39 9.39 0.00
C GLU B 1 11.48 8.32 0.58
N GLN B 2 11.31 8.36 1.89
CA GLN B 2 10.44 7.43 2.59
C GLN B 2 9.05 8.05 2.71
N THR B 3 8.04 7.21 2.91
CA THR B 3 6.65 7.68 2.93
C THR B 3 6.33 8.42 1.63
N GLU B 4 6.15 9.75 1.69
CA GLU B 4 6.07 10.62 0.51
C GLU B 4 4.71 10.49 -0.18
N ALA B 6 3.00 7.90 -2.92
CA ALA B 6 3.23 7.73 -4.35
C ALA B 6 2.18 8.45 -5.20
N THR B 7 2.65 9.05 -6.28
CA THR B 7 1.79 9.78 -7.21
C THR B 7 0.98 8.83 -8.09
N ILE B 8 1.65 7.85 -8.69
CA ILE B 8 1.02 6.81 -9.49
C ILE B 8 0.56 7.37 -10.82
N VAL B 9 1.40 7.23 -11.84
CA VAL B 9 1.04 7.65 -13.17
C VAL B 9 0.70 6.43 -14.02
N PHE B 10 -0.55 6.36 -14.40
CA PHE B 10 -1.01 5.37 -15.35
C PHE B 10 -0.81 5.89 -16.78
N PRO B 11 0.26 5.44 -17.45
CA PRO B 11 0.58 5.88 -18.79
C PRO B 11 -0.16 5.04 -19.85
#